data_7TCX
#
_entry.id   7TCX
#
_cell.length_a   50.655
_cell.length_b   216.025
_cell.length_c   216.148
_cell.angle_alpha   90.000
_cell.angle_beta   90.000
_cell.angle_gamma   90.000
#
_symmetry.space_group_name_H-M   'C 2 2 21'
#
loop_
_entity.id
_entity.type
_entity.pdbx_description
1 polymer 'Methanobactin biosynthesis cassette protein MbnB'
2 polymer 'Methanobactin biosynthesis cassette protein MbnC'
3 non-polymer 'FE (III) ION'
4 non-polymer 'SULFATE ION'
5 water water
#
loop_
_entity_poly.entity_id
_entity_poly.type
_entity_poly.pdbx_seq_one_letter_code
_entity_poly.pdbx_strand_id
1 'polypeptide(L)'
;MQIGFNFTLTGTLDMVQQMIKERKIDYVEMLIDNFVHLPPEQIADSFDCPVAFHIMLSKYLERDREALAALGKRLRRFID
VMRPVYVSDHILYFTHNGRSLFHLGEIDYGEYDHVRSKVEQWQDMLGTRLYLENYPSIMDGAWDAPSFYERLSRETGVGV
LFDASNAICAQNNTGAPVELWKKIIETTRHFHVAGYGTAFIEPRVKADTHDREMAEDTLDFLSRMRTSFDKPGATITYER
DFDIDYESISVDLKRLRDIFPCVEEERH
;
A,B
2 'polypeptide(L)'
;MSLLPTAPVRIDADLYDDLANPARQSLYPRDSRGFIRIDISLRAYWHTLFDTCPRLLELSGPSGGAIFLPFMAWARENNL
AFDWSFFLWVYVWLQQSEFRERLDEDQLLPVMTASATRWLMIDRDIDACQIVLGSRSLAGAAVVGAKIDSIHCRLEQVQQ
VAFAAPLPLPDGEFGYFLTPGFEIDHFPGWRPLPR
;
C,D
#
# COMPACT_ATOMS: atom_id res chain seq x y z
N MET A 1 -16.83 -1.63 -6.37
CA MET A 1 -16.01 -0.77 -7.21
C MET A 1 -15.81 0.61 -6.60
N GLN A 2 -14.56 0.99 -6.38
CA GLN A 2 -14.23 2.38 -6.13
C GLN A 2 -14.14 3.13 -7.45
N ILE A 3 -14.53 4.40 -7.45
CA ILE A 3 -14.43 5.25 -8.62
C ILE A 3 -13.41 6.34 -8.33
N GLY A 4 -12.44 6.50 -9.24
CA GLY A 4 -11.42 7.51 -9.12
C GLY A 4 -11.52 8.55 -10.23
N PHE A 5 -10.70 9.58 -10.09
CA PHE A 5 -10.55 10.61 -11.10
C PHE A 5 -9.07 10.96 -11.18
N ASN A 6 -8.58 11.27 -12.37
CA ASN A 6 -7.15 11.52 -12.53
C ASN A 6 -6.83 13.00 -12.36
N PHE A 7 -5.77 13.26 -11.61
CA PHE A 7 -5.31 14.59 -11.26
C PHE A 7 -3.99 14.84 -11.98
N THR A 8 -3.98 15.80 -12.90
CA THR A 8 -2.84 16.06 -13.77
C THR A 8 -2.42 17.52 -13.71
N LEU A 9 -3.39 18.41 -13.51
CA LEU A 9 -3.17 19.84 -13.51
C LEU A 9 -3.47 20.41 -12.14
N THR A 10 -2.59 21.28 -11.63
CA THR A 10 -2.82 21.86 -10.31
C THR A 10 -4.06 22.75 -10.28
N GLY A 11 -4.37 23.41 -11.40
CA GLY A 11 -5.55 24.25 -11.46
C GLY A 11 -6.88 23.53 -11.27
N THR A 12 -6.88 22.20 -11.29
CA THR A 12 -8.09 21.43 -11.05
C THR A 12 -8.22 20.97 -9.59
N LEU A 13 -7.38 21.48 -8.70
CA LEU A 13 -7.39 21.01 -7.31
C LEU A 13 -8.75 21.26 -6.66
N ASP A 14 -9.23 22.51 -6.71
CA ASP A 14 -10.48 22.85 -6.04
C ASP A 14 -11.64 22.00 -6.54
N MET A 15 -11.67 21.71 -7.84
CA MET A 15 -12.73 20.87 -8.38
C MET A 15 -12.63 19.43 -7.86
N VAL A 16 -11.42 18.86 -7.84
CA VAL A 16 -11.26 17.49 -7.37
C VAL A 16 -11.63 17.38 -5.89
N GLN A 17 -11.22 18.37 -5.08
CA GLN A 17 -11.61 18.39 -3.67
C GLN A 17 -13.12 18.50 -3.51
N GLN A 18 -13.78 19.23 -4.42
CA GLN A 18 -15.24 19.28 -4.40
C GLN A 18 -15.86 17.91 -4.69
N MET A 19 -15.33 17.21 -5.69
CA MET A 19 -15.83 15.87 -6.00
C MET A 19 -15.62 14.91 -4.84
N ILE A 20 -14.55 15.09 -4.07
CA ILE A 20 -14.33 14.23 -2.91
C ILE A 20 -15.37 14.51 -1.84
N LYS A 21 -15.58 15.79 -1.51
CA LYS A 21 -16.59 16.15 -0.51
C LYS A 21 -17.96 15.62 -0.91
N GLU A 22 -18.38 15.89 -2.14
CA GLU A 22 -19.68 15.38 -2.55
C GLU A 22 -19.71 13.86 -2.80
N ARG A 23 -18.64 13.11 -2.51
CA ARG A 23 -18.62 11.64 -2.60
C ARG A 23 -18.86 11.17 -4.03
N LYS A 24 -18.42 11.98 -5.00
CA LYS A 24 -18.54 11.57 -6.40
C LYS A 24 -17.45 10.59 -6.80
N ILE A 25 -16.25 10.75 -6.24
CA ILE A 25 -15.13 9.82 -6.39
C ILE A 25 -14.74 9.34 -5.00
N ASP A 26 -14.00 8.23 -4.95
CA ASP A 26 -13.51 7.66 -3.69
C ASP A 26 -12.00 7.66 -3.55
N TYR A 27 -11.26 7.95 -4.62
CA TYR A 27 -9.82 8.07 -4.58
C TYR A 27 -9.40 8.94 -5.74
N VAL A 28 -8.16 9.42 -5.68
CA VAL A 28 -7.58 10.29 -6.70
C VAL A 28 -6.38 9.57 -7.30
N GLU A 29 -6.26 9.57 -8.61
CA GLU A 29 -5.10 9.00 -9.28
C GLU A 29 -4.20 10.15 -9.74
N MET A 30 -3.03 10.27 -9.09
CA MET A 30 -2.02 11.25 -9.47
C MET A 30 -1.27 10.83 -10.73
N LEU A 31 -1.15 11.76 -11.68
CA LEU A 31 -0.10 11.65 -12.69
C LEU A 31 1.20 12.09 -12.03
N ILE A 32 1.77 11.17 -11.24
CA ILE A 32 2.62 11.58 -10.13
C ILE A 32 3.93 12.17 -10.61
N ASP A 33 4.46 11.72 -11.76
CA ASP A 33 5.72 12.31 -12.19
C ASP A 33 5.57 13.76 -12.68
N ASN A 34 4.35 14.30 -12.74
CA ASN A 34 4.21 15.75 -12.91
C ASN A 34 4.57 16.53 -11.66
N PHE A 35 4.70 15.86 -10.50
CA PHE A 35 4.75 16.58 -9.23
C PHE A 35 5.95 16.18 -8.37
N VAL A 36 7.03 15.71 -8.98
CA VAL A 36 8.15 15.15 -8.20
C VAL A 36 8.98 16.23 -7.51
N HIS A 37 8.64 17.50 -7.71
CA HIS A 37 9.31 18.59 -7.02
C HIS A 37 8.45 19.24 -5.94
N LEU A 38 7.22 18.79 -5.74
CA LEU A 38 6.39 19.19 -4.62
C LEU A 38 6.85 18.48 -3.35
N PRO A 39 6.60 19.05 -2.17
CA PRO A 39 6.73 18.27 -0.93
C PRO A 39 5.67 17.18 -0.91
N PRO A 40 6.08 15.91 -0.82
CA PRO A 40 5.09 14.81 -0.90
C PRO A 40 3.97 14.90 0.11
N GLU A 41 4.20 15.50 1.29
CA GLU A 41 3.16 15.63 2.30
C GLU A 41 2.08 16.61 1.87
N GLN A 42 2.47 17.66 1.15
CA GLN A 42 1.50 18.63 0.65
C GLN A 42 0.47 17.96 -0.26
N ILE A 43 0.90 17.02 -1.10
CA ILE A 43 -0.06 16.28 -1.91
C ILE A 43 -0.95 15.39 -1.04
N ALA A 44 -0.33 14.65 -0.11
CA ALA A 44 -1.13 13.78 0.75
C ALA A 44 -2.16 14.58 1.54
N ASP A 45 -1.79 15.75 2.02
CA ASP A 45 -2.74 16.55 2.80
C ASP A 45 -3.77 17.27 1.93
N SER A 46 -3.63 17.25 0.60
CA SER A 46 -4.58 17.94 -0.26
C SER A 46 -5.81 17.09 -0.60
N PHE A 47 -5.72 15.78 -0.49
CA PHE A 47 -6.79 14.88 -0.89
C PHE A 47 -7.24 14.07 0.31
N ASP A 48 -8.52 14.22 0.67
CA ASP A 48 -9.10 13.57 1.83
C ASP A 48 -9.68 12.19 1.48
N CYS A 49 -8.78 11.33 0.99
CA CYS A 49 -9.14 10.03 0.43
C CYS A 49 -7.87 9.32 0.02
N PRO A 50 -7.89 8.02 -0.26
CA PRO A 50 -6.69 7.35 -0.79
C PRO A 50 -6.27 7.94 -2.13
N VAL A 51 -5.01 7.70 -2.50
CA VAL A 51 -4.48 8.09 -3.79
C VAL A 51 -3.85 6.87 -4.46
N ALA A 52 -3.64 7.01 -5.78
CA ALA A 52 -2.93 6.02 -6.58
C ALA A 52 -2.06 6.76 -7.59
N PHE A 53 -1.03 6.07 -8.09
CA PHE A 53 0.00 6.70 -8.90
C PHE A 53 -0.07 6.20 -10.35
N HIS A 54 0.01 7.13 -11.29
CA HIS A 54 0.12 6.86 -12.72
C HIS A 54 1.35 7.61 -13.23
N ILE A 55 2.28 6.90 -13.85
CA ILE A 55 3.55 7.46 -14.31
C ILE A 55 3.51 7.55 -15.84
N MET A 56 3.65 8.77 -16.37
CA MET A 56 3.52 9.00 -17.81
C MET A 56 4.86 9.01 -18.53
N LEU A 57 5.85 9.73 -18.00
CA LEU A 57 7.04 10.10 -18.78
C LEU A 57 8.32 9.52 -18.20
N SER A 58 8.22 8.43 -17.42
CA SER A 58 9.44 7.72 -17.04
C SER A 58 10.21 7.28 -18.27
N LYS A 59 9.48 6.91 -19.34
CA LYS A 59 10.10 6.39 -20.56
C LYS A 59 11.03 5.22 -20.23
N TYR A 60 10.62 4.36 -19.28
CA TYR A 60 11.53 3.37 -18.73
C TYR A 60 12.06 2.40 -19.80
N LEU A 61 11.35 2.25 -20.92
CA LEU A 61 11.82 1.40 -22.02
C LEU A 61 13.06 1.97 -22.70
N GLU A 62 13.26 3.29 -22.65
CA GLU A 62 14.38 3.88 -23.37
C GLU A 62 15.29 4.78 -22.54
N ARG A 63 14.86 5.26 -21.38
CA ARG A 63 15.65 6.28 -20.69
C ARG A 63 16.96 5.70 -20.17
N ASP A 64 18.02 6.51 -20.21
CA ASP A 64 19.31 6.09 -19.66
C ASP A 64 19.16 5.75 -18.18
N ARG A 65 20.02 4.85 -17.72
CA ARG A 65 19.82 4.26 -16.40
C ARG A 65 19.98 5.28 -15.28
N GLU A 66 20.93 6.21 -15.40
CA GLU A 66 21.18 7.14 -14.30
C GLU A 66 19.99 8.05 -14.07
N ALA A 67 19.44 8.63 -15.14
CA ALA A 67 18.26 9.48 -14.97
C ALA A 67 17.07 8.64 -14.52
N LEU A 68 16.97 7.42 -15.03
CA LEU A 68 15.88 6.55 -14.62
C LEU A 68 15.97 6.19 -13.15
N ALA A 69 17.18 5.88 -12.66
CA ALA A 69 17.34 5.52 -11.25
C ALA A 69 17.02 6.70 -10.34
N ALA A 70 17.45 7.91 -10.70
CA ALA A 70 17.11 9.09 -9.90
C ALA A 70 15.60 9.30 -9.84
N LEU A 71 14.89 9.13 -10.97
CA LEU A 71 13.44 9.25 -10.92
C LEU A 71 12.83 8.16 -10.05
N GLY A 72 13.34 6.94 -10.14
CA GLY A 72 12.83 5.86 -9.31
C GLY A 72 12.99 6.16 -7.83
N LYS A 73 14.20 6.59 -7.42
CA LYS A 73 14.45 6.93 -6.02
C LYS A 73 13.50 8.01 -5.52
N ARG A 74 13.28 9.07 -6.32
CA ARG A 74 12.33 10.09 -5.89
C ARG A 74 10.94 9.52 -5.73
N LEU A 75 10.52 8.64 -6.65
CA LEU A 75 9.18 8.08 -6.59
C LEU A 75 9.03 7.12 -5.41
N ARG A 76 10.10 6.38 -5.09
CA ARG A 76 10.08 5.51 -3.92
C ARG A 76 9.77 6.29 -2.66
N ARG A 77 10.30 7.52 -2.55
CA ARG A 77 10.02 8.36 -1.41
C ARG A 77 8.56 8.83 -1.41
N PHE A 78 8.03 9.15 -2.59
CA PHE A 78 6.62 9.49 -2.68
C PHE A 78 5.74 8.30 -2.31
N ILE A 79 6.17 7.08 -2.67
CA ILE A 79 5.41 5.88 -2.30
C ILE A 79 5.37 5.70 -0.78
N ASP A 80 6.49 5.98 -0.11
CA ASP A 80 6.52 5.87 1.36
C ASP A 80 5.60 6.89 2.02
N VAL A 81 5.58 8.11 1.51
CA VAL A 81 4.82 9.16 2.18
C VAL A 81 3.32 8.97 1.98
N MET A 82 2.90 8.56 0.77
CA MET A 82 1.48 8.58 0.43
C MET A 82 0.82 7.21 0.38
N ARG A 83 1.58 6.12 0.42
CA ARG A 83 1.06 4.76 0.32
C ARG A 83 -0.01 4.60 -0.75
N PRO A 84 0.33 4.77 -2.04
CA PRO A 84 -0.71 4.66 -3.07
C PRO A 84 -1.30 3.27 -3.14
N VAL A 85 -2.61 3.20 -3.37
CA VAL A 85 -3.28 1.92 -3.61
C VAL A 85 -2.58 1.10 -4.70
N TYR A 86 -2.13 1.75 -5.78
CA TYR A 86 -1.34 1.04 -6.77
C TYR A 86 -0.39 2.02 -7.46
N VAL A 87 0.61 1.47 -8.11
CA VAL A 87 1.56 2.24 -8.93
C VAL A 87 1.49 1.68 -10.36
N SER A 88 1.33 2.57 -11.35
CA SER A 88 1.12 2.15 -12.74
C SER A 88 1.94 2.99 -13.70
N ASP A 89 2.21 2.39 -14.87
CA ASP A 89 3.00 3.03 -15.92
C ASP A 89 2.52 2.46 -17.25
N HIS A 90 3.29 2.68 -18.31
CA HIS A 90 2.82 2.46 -19.67
C HIS A 90 3.78 1.58 -20.45
N ILE A 91 3.31 1.11 -21.59
CA ILE A 91 4.18 0.48 -22.59
C ILE A 91 4.06 1.32 -23.85
N LEU A 92 4.95 2.30 -24.00
CA LEU A 92 4.85 3.28 -25.06
C LEU A 92 6.18 3.46 -25.77
N TYR A 93 6.09 3.87 -27.03
CA TYR A 93 7.24 4.18 -27.86
C TYR A 93 7.26 5.70 -28.02
N PHE A 94 8.31 6.32 -27.49
CA PHE A 94 8.40 7.78 -27.37
C PHE A 94 9.32 8.43 -28.39
N THR A 95 10.35 7.73 -28.85
CA THR A 95 11.44 8.34 -29.59
C THR A 95 11.87 7.36 -30.68
N HIS A 96 11.82 7.81 -31.93
CA HIS A 96 12.33 7.02 -33.05
C HIS A 96 13.62 7.67 -33.53
N ASN A 97 14.72 6.96 -33.33
CA ASN A 97 16.05 7.36 -33.81
C ASN A 97 16.46 8.76 -33.30
N GLY A 98 16.10 9.06 -32.07
CA GLY A 98 16.42 10.34 -31.46
C GLY A 98 15.38 11.42 -31.65
N ARG A 99 14.28 11.10 -32.33
CA ARG A 99 13.24 12.09 -32.64
C ARG A 99 12.01 11.76 -31.80
N SER A 100 11.56 12.74 -31.02
CA SER A 100 10.40 12.53 -30.16
C SER A 100 9.12 12.48 -31.00
N LEU A 101 8.30 11.45 -30.75
CA LEU A 101 6.95 11.38 -31.29
C LEU A 101 6.02 12.25 -30.46
N PHE A 102 5.16 13.02 -31.13
CA PHE A 102 4.17 13.82 -30.42
C PHE A 102 2.82 13.11 -30.28
N HIS A 103 2.54 12.13 -31.13
CA HIS A 103 1.47 11.15 -30.89
C HIS A 103 2.16 9.82 -30.66
N LEU A 104 2.07 9.31 -29.43
CA LEU A 104 2.95 8.23 -28.99
C LEU A 104 2.61 6.92 -29.68
N GLY A 105 3.65 6.12 -29.93
CA GLY A 105 3.52 4.91 -30.70
C GLY A 105 3.23 3.65 -29.88
N GLU A 106 2.55 2.71 -30.52
CA GLU A 106 2.36 1.38 -29.96
C GLU A 106 3.64 0.58 -30.14
N ILE A 107 4.12 -0.03 -29.08
CA ILE A 107 5.32 -0.82 -29.27
C ILE A 107 4.99 -2.05 -30.11
N ASP A 108 6.01 -2.55 -30.79
CA ASP A 108 5.92 -3.82 -31.48
C ASP A 108 5.97 -4.93 -30.43
N TYR A 109 4.92 -5.75 -30.38
CA TYR A 109 4.82 -6.81 -29.38
C TYR A 109 5.71 -7.99 -29.71
N GLY A 110 6.29 -8.03 -30.92
CA GLY A 110 7.36 -8.98 -31.20
C GLY A 110 8.59 -8.75 -30.34
N GLU A 111 8.75 -7.55 -29.79
CA GLU A 111 9.92 -7.18 -28.97
C GLU A 111 9.74 -7.57 -27.51
N TYR A 112 9.26 -8.78 -27.24
CA TYR A 112 8.95 -9.16 -25.86
C TYR A 112 10.19 -9.14 -24.98
N ASP A 113 11.31 -9.68 -25.48
CA ASP A 113 12.50 -9.80 -24.63
C ASP A 113 13.01 -8.43 -24.19
N HIS A 114 13.01 -7.46 -25.10
CA HIS A 114 13.39 -6.09 -24.76
C HIS A 114 12.45 -5.50 -23.71
N VAL A 115 11.14 -5.65 -23.91
CA VAL A 115 10.20 -5.08 -22.96
C VAL A 115 10.29 -5.78 -21.61
N ARG A 116 10.45 -7.11 -21.62
CA ARG A 116 10.54 -7.86 -20.38
C ARG A 116 11.68 -7.36 -19.51
N SER A 117 12.88 -7.25 -20.09
CA SER A 117 14.00 -6.85 -19.27
C SER A 117 13.88 -5.41 -18.79
N LYS A 118 13.34 -4.50 -19.62
CA LYS A 118 13.15 -3.14 -19.15
C LYS A 118 12.09 -3.05 -18.06
N VAL A 119 11.04 -3.86 -18.16
CA VAL A 119 9.98 -3.82 -17.16
C VAL A 119 10.53 -4.29 -15.80
N GLU A 120 11.29 -5.37 -15.81
CA GLU A 120 11.89 -5.88 -14.58
C GLU A 120 12.78 -4.84 -13.94
N GLN A 121 13.63 -4.19 -14.75
CA GLN A 121 14.51 -3.15 -14.22
C GLN A 121 13.70 -2.04 -13.56
N TRP A 122 12.64 -1.56 -14.24
CA TRP A 122 11.89 -0.42 -13.71
C TRP A 122 11.06 -0.82 -12.50
N GLN A 123 10.39 -1.97 -12.57
CA GLN A 123 9.67 -2.47 -11.39
C GLN A 123 10.61 -2.64 -10.20
N ASP A 124 11.83 -3.12 -10.43
CA ASP A 124 12.79 -3.24 -9.33
C ASP A 124 13.09 -1.88 -8.71
N MET A 125 13.34 -0.87 -9.55
CA MET A 125 13.66 0.47 -9.04
C MET A 125 12.53 1.03 -8.18
N LEU A 126 11.27 0.76 -8.54
CA LEU A 126 10.13 1.32 -7.81
C LEU A 126 9.88 0.59 -6.48
N GLY A 127 10.35 -0.64 -6.32
CA GLY A 127 10.26 -1.33 -5.04
C GLY A 127 8.88 -1.84 -4.71
N THR A 128 8.00 -1.95 -5.70
CA THR A 128 6.63 -2.37 -5.45
C THR A 128 6.11 -3.03 -6.72
N ARG A 129 4.95 -3.67 -6.61
CA ARG A 129 4.34 -4.23 -7.81
C ARG A 129 3.90 -3.10 -8.76
N LEU A 130 4.30 -3.21 -10.02
CA LEU A 130 3.95 -2.25 -11.05
C LEU A 130 2.79 -2.76 -11.89
N TYR A 131 1.86 -1.87 -12.21
CA TYR A 131 0.78 -2.18 -13.15
C TYR A 131 1.04 -1.44 -14.46
N LEU A 132 0.82 -2.14 -15.57
CA LEU A 132 1.12 -1.63 -16.91
C LEU A 132 -0.17 -1.54 -17.72
N GLU A 133 -0.36 -0.42 -18.42
CA GLU A 133 -1.62 -0.12 -19.08
C GLU A 133 -1.58 -0.55 -20.55
N ASN A 134 -2.74 -1.00 -21.06
CA ASN A 134 -2.89 -1.31 -22.49
C ASN A 134 -3.02 -0.03 -23.33
N TYR A 135 -2.60 -0.13 -24.59
CA TYR A 135 -2.51 0.95 -25.55
C TYR A 135 -3.79 1.03 -26.40
N PRO A 136 -4.28 2.24 -26.71
CA PRO A 136 -5.49 2.38 -27.58
C PRO A 136 -5.17 2.20 -29.06
N SER A 137 -4.97 0.95 -29.45
CA SER A 137 -4.33 0.63 -30.73
C SER A 137 -5.07 1.22 -31.91
N ILE A 138 -4.30 1.66 -32.91
CA ILE A 138 -4.82 2.02 -34.22
C ILE A 138 -4.47 0.95 -35.25
N MET A 139 -3.21 0.52 -35.28
CA MET A 139 -2.74 -0.56 -36.14
C MET A 139 -2.97 -1.92 -35.45
N ASP A 140 -2.63 -3.00 -36.16
CA ASP A 140 -3.17 -4.32 -35.83
C ASP A 140 -2.43 -5.00 -34.70
N GLY A 141 -1.54 -4.29 -34.01
CA GLY A 141 -0.96 -4.80 -32.78
C GLY A 141 -2.01 -5.09 -31.73
N ALA A 142 -3.19 -4.49 -31.85
CA ALA A 142 -4.32 -4.79 -30.97
C ALA A 142 -4.56 -6.29 -30.84
N TRP A 143 -4.31 -7.07 -31.90
CA TRP A 143 -4.58 -8.51 -31.88
C TRP A 143 -3.53 -9.27 -31.09
N ASP A 144 -2.31 -8.74 -31.04
CA ASP A 144 -1.19 -9.33 -30.32
C ASP A 144 -1.20 -8.95 -28.85
N ALA A 145 -1.80 -7.81 -28.53
CA ALA A 145 -1.59 -7.23 -27.19
C ALA A 145 -2.09 -8.09 -26.03
N PRO A 146 -3.29 -8.70 -26.06
CA PRO A 146 -3.73 -9.47 -24.87
C PRO A 146 -2.75 -10.58 -24.48
N SER A 147 -2.35 -11.39 -25.45
CA SER A 147 -1.40 -12.48 -25.21
C SER A 147 -0.07 -11.94 -24.70
N PHE A 148 0.36 -10.79 -25.22
CA PHE A 148 1.60 -10.15 -24.79
C PHE A 148 1.51 -9.73 -23.31
N TYR A 149 0.42 -9.05 -22.94
CA TYR A 149 0.30 -8.60 -21.57
C TYR A 149 0.18 -9.77 -20.58
N GLU A 150 -0.50 -10.85 -20.97
CA GLU A 150 -0.60 -12.01 -20.07
C GLU A 150 0.75 -12.67 -19.85
N ARG A 151 1.51 -12.87 -20.93
CA ARG A 151 2.86 -13.40 -20.79
C ARG A 151 3.71 -12.50 -19.91
N LEU A 152 3.69 -11.19 -20.19
CA LEU A 152 4.51 -10.25 -19.42
C LEU A 152 4.17 -10.31 -17.93
N SER A 153 2.87 -10.34 -17.61
CA SER A 153 2.44 -10.42 -16.22
C SER A 153 2.91 -11.71 -15.55
N ARG A 154 2.83 -12.82 -16.28
CA ARG A 154 3.23 -14.12 -15.74
C ARG A 154 4.73 -14.14 -15.39
N GLU A 155 5.57 -13.68 -16.32
CA GLU A 155 7.02 -13.81 -16.14
C GLU A 155 7.63 -12.74 -15.25
N THR A 156 7.07 -11.53 -15.20
CA THR A 156 7.66 -10.45 -14.42
C THR A 156 6.88 -10.12 -13.16
N GLY A 157 5.65 -10.63 -13.01
CA GLY A 157 4.88 -10.29 -11.85
C GLY A 157 4.17 -8.96 -11.89
N VAL A 158 4.29 -8.19 -12.99
CA VAL A 158 3.54 -6.93 -13.06
C VAL A 158 2.04 -7.23 -13.09
N GLY A 159 1.25 -6.24 -12.73
CA GLY A 159 -0.17 -6.28 -12.99
C GLY A 159 -0.52 -5.55 -14.29
N VAL A 160 -1.78 -5.69 -14.71
CA VAL A 160 -2.31 -4.97 -15.87
C VAL A 160 -3.32 -3.92 -15.36
N LEU A 161 -3.08 -2.66 -15.69
CA LEU A 161 -4.09 -1.62 -15.50
C LEU A 161 -4.92 -1.63 -16.78
N PHE A 162 -6.14 -2.16 -16.70
CA PHE A 162 -6.91 -2.37 -17.92
C PHE A 162 -7.74 -1.11 -18.17
N ASP A 163 -7.44 -0.44 -19.27
CA ASP A 163 -8.19 0.75 -19.68
C ASP A 163 -9.26 0.28 -20.65
N ALA A 164 -10.53 0.30 -20.20
CA ALA A 164 -11.62 -0.24 -21.00
C ALA A 164 -11.85 0.57 -22.28
N SER A 165 -11.69 1.89 -22.21
CA SER A 165 -11.99 2.65 -23.42
C SER A 165 -10.84 2.55 -24.43
N ASN A 166 -9.58 2.40 -23.97
CA ASN A 166 -8.50 2.14 -24.91
C ASN A 166 -8.75 0.86 -25.68
N ALA A 167 -9.29 -0.17 -25.01
CA ALA A 167 -9.56 -1.43 -25.68
C ALA A 167 -10.72 -1.30 -26.65
N ILE A 168 -11.72 -0.50 -26.31
CA ILE A 168 -12.81 -0.18 -27.23
C ILE A 168 -12.28 0.59 -28.44
N CYS A 169 -11.34 1.52 -28.23
CA CYS A 169 -10.66 2.14 -29.36
C CYS A 169 -10.00 1.07 -30.24
N ALA A 170 -9.25 0.16 -29.60
CA ALA A 170 -8.58 -0.91 -30.33
C ALA A 170 -9.58 -1.74 -31.12
N GLN A 171 -10.72 -2.06 -30.51
CA GLN A 171 -11.74 -2.84 -31.21
C GLN A 171 -12.33 -2.07 -32.38
N ASN A 172 -12.73 -0.81 -32.16
CA ASN A 172 -13.26 0.00 -33.26
C ASN A 172 -12.26 0.14 -34.39
N ASN A 173 -10.98 0.27 -34.06
CA ASN A 173 -9.96 0.56 -35.07
C ASN A 173 -9.49 -0.68 -35.82
N THR A 174 -9.40 -1.83 -35.14
CA THR A 174 -8.73 -3.01 -35.66
C THR A 174 -9.62 -4.25 -35.75
N GLY A 175 -10.80 -4.23 -35.12
CA GLY A 175 -11.65 -5.41 -35.06
C GLY A 175 -11.38 -6.33 -33.87
N ALA A 176 -10.24 -6.15 -33.17
CA ALA A 176 -9.86 -7.02 -32.07
C ALA A 176 -10.89 -6.91 -30.94
N PRO A 177 -11.66 -7.96 -30.70
CA PRO A 177 -12.75 -7.85 -29.72
C PRO A 177 -12.21 -7.60 -28.33
N VAL A 178 -12.96 -6.82 -27.55
CA VAL A 178 -12.59 -6.57 -26.18
C VAL A 178 -12.66 -7.86 -25.35
N GLU A 179 -13.37 -8.88 -25.84
CA GLU A 179 -13.44 -10.14 -25.14
C GLU A 179 -12.09 -10.84 -25.05
N LEU A 180 -11.15 -10.52 -25.96
CA LEU A 180 -9.79 -11.03 -25.85
C LEU A 180 -9.18 -10.74 -24.49
N TRP A 181 -9.67 -9.72 -23.80
CA TRP A 181 -9.10 -9.26 -22.54
C TRP A 181 -9.80 -9.83 -21.32
N LYS A 182 -10.77 -10.73 -21.53
CA LYS A 182 -11.61 -11.24 -20.45
C LYS A 182 -10.77 -11.80 -19.30
N LYS A 183 -9.74 -12.59 -19.59
CA LYS A 183 -8.92 -13.17 -18.52
C LYS A 183 -8.23 -12.07 -17.72
N ILE A 184 -7.64 -11.10 -18.40
CA ILE A 184 -7.03 -9.97 -17.69
C ILE A 184 -8.08 -9.22 -16.87
N ILE A 185 -9.28 -9.01 -17.43
CA ILE A 185 -10.32 -8.27 -16.71
C ILE A 185 -10.71 -9.02 -15.43
N GLU A 186 -10.79 -10.34 -15.48
CA GLU A 186 -11.17 -11.07 -14.28
C GLU A 186 -10.05 -11.19 -13.26
N THR A 187 -8.82 -10.81 -13.62
CA THR A 187 -7.64 -10.88 -12.76
C THR A 187 -7.36 -9.54 -12.08
N THR A 188 -7.31 -8.45 -12.84
CA THR A 188 -6.84 -7.22 -12.24
C THR A 188 -7.94 -6.54 -11.41
N ARG A 189 -7.52 -5.80 -10.39
CA ARG A 189 -8.44 -4.98 -9.62
C ARG A 189 -8.60 -3.58 -10.18
N HIS A 190 -7.70 -3.13 -11.04
CA HIS A 190 -7.52 -1.71 -11.31
C HIS A 190 -7.82 -1.41 -12.78
N PHE A 191 -8.66 -0.41 -13.00
CA PHE A 191 -9.20 -0.11 -14.31
C PHE A 191 -9.14 1.39 -14.61
N HIS A 192 -9.20 1.69 -15.91
CA HIS A 192 -9.38 3.03 -16.45
C HIS A 192 -10.57 3.04 -17.40
N VAL A 193 -11.14 4.23 -17.55
CA VAL A 193 -12.14 4.47 -18.59
C VAL A 193 -12.19 5.97 -18.84
N ALA A 194 -12.50 6.35 -20.08
CA ALA A 194 -12.58 7.74 -20.49
C ALA A 194 -13.38 7.85 -21.78
N GLY A 195 -13.63 9.09 -22.21
CA GLY A 195 -14.18 9.32 -23.52
C GLY A 195 -13.08 9.30 -24.57
N TYR A 196 -13.47 8.99 -25.79
CA TYR A 196 -12.55 9.04 -26.91
C TYR A 196 -13.14 9.85 -28.06
N GLY A 197 -12.26 10.43 -28.86
CA GLY A 197 -12.64 11.18 -30.04
C GLY A 197 -12.39 10.40 -31.33
N THR A 198 -12.31 11.12 -32.43
CA THR A 198 -12.03 10.52 -33.72
C THR A 198 -10.91 11.27 -34.44
N ALA A 199 -10.28 10.59 -35.39
CA ALA A 199 -9.35 11.28 -36.28
C ALA A 199 -10.11 12.34 -37.08
N PHE A 200 -9.48 13.50 -37.24
CA PHE A 200 -10.18 14.63 -37.86
C PHE A 200 -10.67 14.30 -39.27
N ILE A 201 -9.89 13.52 -40.02
CA ILE A 201 -10.19 13.24 -41.43
C ILE A 201 -10.87 11.89 -41.64
N GLU A 202 -11.16 11.14 -40.57
CA GLU A 202 -11.77 9.81 -40.70
C GLU A 202 -12.50 9.49 -39.42
N PRO A 203 -13.81 9.74 -39.35
CA PRO A 203 -14.56 9.45 -38.11
C PRO A 203 -14.54 7.98 -37.67
N ARG A 204 -14.23 7.04 -38.58
CA ARG A 204 -14.22 5.63 -38.18
C ARG A 204 -13.01 5.26 -37.33
N VAL A 205 -11.95 6.07 -37.33
CA VAL A 205 -10.75 5.80 -36.54
C VAL A 205 -10.83 6.57 -35.22
N LYS A 206 -10.65 5.86 -34.10
CA LYS A 206 -10.88 6.42 -32.78
C LYS A 206 -9.56 6.86 -32.13
N ALA A 207 -9.56 8.08 -31.57
CA ALA A 207 -8.40 8.69 -30.91
C ALA A 207 -8.66 8.79 -29.42
N ASP A 208 -7.64 8.43 -28.62
CA ASP A 208 -7.75 8.33 -27.15
C ASP A 208 -7.47 9.68 -26.51
N THR A 209 -8.50 10.53 -26.49
CA THR A 209 -8.34 11.96 -26.23
C THR A 209 -8.74 12.39 -24.82
N HIS A 210 -9.56 11.59 -24.11
CA HIS A 210 -9.98 11.86 -22.73
C HIS A 210 -10.60 13.24 -22.58
N ASP A 211 -11.43 13.61 -23.55
CA ASP A 211 -11.86 15.00 -23.63
C ASP A 211 -13.38 15.10 -23.74
N ARG A 212 -14.10 14.06 -23.34
CA ARG A 212 -15.44 13.85 -23.86
C ARG A 212 -16.14 12.83 -22.98
N GLU A 213 -17.46 12.85 -23.03
CA GLU A 213 -18.27 11.85 -22.34
C GLU A 213 -18.03 10.46 -22.92
N MET A 214 -18.10 9.45 -22.04
CA MET A 214 -17.94 8.06 -22.44
C MET A 214 -18.94 7.69 -23.52
N ALA A 215 -18.48 6.93 -24.52
CA ALA A 215 -19.31 6.48 -25.62
C ALA A 215 -20.24 5.35 -25.18
N GLU A 216 -21.22 5.06 -26.04
CA GLU A 216 -22.24 4.06 -25.71
C GLU A 216 -21.69 2.64 -25.75
N ASP A 217 -20.78 2.34 -26.68
CA ASP A 217 -20.19 1.01 -26.74
C ASP A 217 -19.21 0.78 -25.58
N THR A 218 -18.53 1.83 -25.09
CA THR A 218 -17.76 1.71 -23.84
C THR A 218 -18.66 1.43 -22.64
N LEU A 219 -19.83 2.07 -22.60
CA LEU A 219 -20.74 1.87 -21.48
C LEU A 219 -21.40 0.49 -21.52
N ASP A 220 -21.76 0.01 -22.71
CA ASP A 220 -22.27 -1.35 -22.84
C ASP A 220 -21.22 -2.37 -22.43
N PHE A 221 -19.98 -2.16 -22.84
CA PHE A 221 -18.86 -3.02 -22.44
C PHE A 221 -18.79 -3.17 -20.93
N LEU A 222 -18.72 -2.05 -20.20
CA LEU A 222 -18.66 -2.08 -18.75
C LEU A 222 -19.91 -2.71 -18.15
N SER A 223 -21.08 -2.44 -18.74
CA SER A 223 -22.33 -2.95 -18.18
C SER A 223 -22.51 -4.43 -18.47
N ARG A 224 -22.25 -4.84 -19.72
CA ARG A 224 -22.34 -6.25 -20.09
C ARG A 224 -21.51 -7.13 -19.16
N MET A 225 -20.29 -6.70 -18.84
CA MET A 225 -19.35 -7.51 -18.07
C MET A 225 -19.11 -6.94 -16.68
N ARG A 226 -20.13 -6.35 -16.05
CA ARG A 226 -19.91 -5.70 -14.76
C ARG A 226 -19.41 -6.69 -13.71
N THR A 227 -19.83 -7.95 -13.78
CA THR A 227 -19.37 -8.94 -12.80
C THR A 227 -17.94 -9.41 -13.05
N SER A 228 -17.44 -9.27 -14.28
CA SER A 228 -16.02 -9.53 -14.50
C SER A 228 -15.16 -8.36 -14.04
N PHE A 229 -15.62 -7.13 -14.28
CA PHE A 229 -14.87 -5.98 -13.79
C PHE A 229 -14.89 -5.89 -12.27
N ASP A 230 -16.07 -6.04 -11.66
CA ASP A 230 -16.21 -5.77 -10.23
C ASP A 230 -15.68 -6.96 -9.44
N LYS A 231 -14.96 -6.65 -8.35
CA LYS A 231 -14.23 -7.59 -7.51
C LYS A 231 -14.09 -6.96 -6.14
N PRO A 232 -13.70 -7.74 -5.13
CA PRO A 232 -13.10 -7.13 -3.93
C PRO A 232 -11.92 -6.22 -4.30
N GLY A 233 -11.93 -4.99 -3.79
CA GLY A 233 -10.85 -4.06 -4.04
C GLY A 233 -10.80 -3.46 -5.44
N ALA A 234 -11.76 -3.74 -6.32
CA ALA A 234 -11.75 -3.18 -7.67
C ALA A 234 -11.88 -1.66 -7.65
N THR A 235 -11.13 -1.00 -8.56
CA THR A 235 -11.17 0.44 -8.74
C THR A 235 -11.24 0.76 -10.23
N ILE A 236 -11.85 1.89 -10.57
CA ILE A 236 -11.89 2.36 -11.95
C ILE A 236 -11.70 3.86 -11.96
N THR A 237 -10.63 4.33 -12.59
CA THR A 237 -10.36 5.75 -12.70
C THR A 237 -11.02 6.30 -13.95
N TYR A 238 -11.86 7.33 -13.78
CA TYR A 238 -12.34 8.08 -14.92
C TYR A 238 -11.28 9.12 -15.30
N GLU A 239 -10.94 9.18 -16.58
CA GLU A 239 -9.91 10.10 -17.06
C GLU A 239 -10.56 11.24 -17.84
N ARG A 240 -10.22 12.47 -17.48
CA ARG A 240 -10.64 13.64 -18.24
C ARG A 240 -9.45 14.59 -18.27
N ASP A 241 -8.83 14.71 -19.43
CA ASP A 241 -7.62 15.50 -19.56
C ASP A 241 -7.84 16.84 -20.25
N PHE A 242 -8.97 16.99 -20.95
CA PHE A 242 -9.30 18.18 -21.71
C PHE A 242 -10.80 18.37 -21.65
N ASP A 243 -11.24 19.60 -21.87
CA ASP A 243 -12.59 20.05 -21.52
C ASP A 243 -12.93 19.57 -20.11
N ILE A 244 -12.06 19.93 -19.17
CA ILE A 244 -12.22 19.47 -17.80
C ILE A 244 -13.34 20.29 -17.18
N ASP A 245 -14.58 19.93 -17.51
CA ASP A 245 -15.77 20.64 -17.09
C ASP A 245 -16.47 19.85 -15.99
N TYR A 246 -16.74 20.53 -14.87
CA TYR A 246 -17.28 19.87 -13.69
C TYR A 246 -18.55 19.08 -13.99
N GLU A 247 -19.48 19.67 -14.76
CA GLU A 247 -20.79 19.07 -14.93
C GLU A 247 -20.76 17.87 -15.88
N SER A 248 -19.99 17.95 -16.97
CA SER A 248 -19.86 16.80 -17.85
C SER A 248 -19.18 15.64 -17.14
N ILE A 249 -18.16 15.92 -16.31
CA ILE A 249 -17.50 14.87 -15.54
C ILE A 249 -18.49 14.20 -14.60
N SER A 250 -19.34 15.00 -13.94
CA SER A 250 -20.31 14.43 -13.00
C SER A 250 -21.29 13.51 -13.69
N VAL A 251 -21.67 13.82 -14.94
CA VAL A 251 -22.53 12.90 -15.71
C VAL A 251 -21.84 11.55 -15.86
N ASP A 252 -20.56 11.56 -16.26
CA ASP A 252 -19.85 10.31 -16.46
C ASP A 252 -19.58 9.60 -15.13
N LEU A 253 -19.29 10.36 -14.08
CA LEU A 253 -19.07 9.73 -12.77
C LEU A 253 -20.32 9.03 -12.28
N LYS A 254 -21.48 9.69 -12.44
CA LYS A 254 -22.74 9.09 -12.01
C LYS A 254 -23.08 7.85 -12.83
N ARG A 255 -22.84 7.90 -14.15
CA ARG A 255 -23.09 6.72 -14.97
C ARG A 255 -22.23 5.53 -14.55
N LEU A 256 -21.00 5.77 -14.08
CA LEU A 256 -20.20 4.69 -13.53
C LEU A 256 -20.81 4.16 -12.24
N ARG A 257 -21.33 5.05 -11.40
CA ARG A 257 -21.97 4.59 -10.17
C ARG A 257 -23.28 3.87 -10.46
N ASP A 258 -24.01 4.29 -11.50
CA ASP A 258 -25.17 3.52 -11.95
C ASP A 258 -24.78 2.10 -12.33
N ILE A 259 -23.65 1.93 -13.00
CA ILE A 259 -23.24 0.59 -13.45
C ILE A 259 -22.67 -0.24 -12.28
N PHE A 260 -21.98 0.39 -11.33
CA PHE A 260 -21.31 -0.29 -10.22
C PHE A 260 -21.80 0.30 -8.89
N PRO A 261 -22.94 -0.15 -8.38
CA PRO A 261 -23.49 0.46 -7.16
C PRO A 261 -22.65 0.11 -5.93
N CYS A 262 -22.90 0.86 -4.84
CA CYS A 262 -22.04 0.77 -3.66
C CYS A 262 -22.25 -0.52 -2.86
N VAL A 263 -23.46 -1.08 -2.87
CA VAL A 263 -23.74 -2.34 -2.17
C VAL A 263 -24.46 -3.30 -3.11
N MET B 1 13.11 -8.03 -1.34
CA MET B 1 12.48 -8.33 -0.05
C MET B 1 12.90 -7.35 1.03
N GLN B 2 11.94 -6.64 1.60
CA GLN B 2 12.21 -5.82 2.76
C GLN B 2 12.08 -6.66 4.03
N ILE B 3 12.90 -6.33 5.02
CA ILE B 3 12.95 -7.04 6.29
C ILE B 3 12.43 -6.11 7.38
N GLY B 4 11.45 -6.58 8.14
CA GLY B 4 10.89 -5.82 9.24
C GLY B 4 11.11 -6.50 10.58
N PHE B 5 10.72 -5.78 11.63
CA PHE B 5 10.77 -6.28 13.00
C PHE B 5 9.51 -5.83 13.71
N ASN B 6 8.99 -6.66 14.62
CA ASN B 6 7.72 -6.35 15.24
C ASN B 6 7.95 -5.51 16.50
N PHE B 7 7.16 -4.46 16.66
CA PHE B 7 7.23 -3.58 17.81
C PHE B 7 6.00 -3.85 18.68
N THR B 8 6.23 -4.32 19.90
CA THR B 8 5.13 -4.62 20.82
C THR B 8 5.27 -3.94 22.17
N LEU B 9 6.47 -3.55 22.59
CA LEU B 9 6.73 -3.03 23.92
C LEU B 9 7.54 -1.75 23.81
N THR B 10 7.08 -0.69 24.48
CA THR B 10 7.77 0.60 24.37
C THR B 10 9.21 0.51 24.85
N GLY B 11 9.51 -0.40 25.79
CA GLY B 11 10.88 -0.56 26.25
C GLY B 11 11.87 -0.94 25.17
N THR B 12 11.38 -1.39 24.01
CA THR B 12 12.25 -1.78 22.92
C THR B 12 12.50 -0.66 21.91
N LEU B 13 12.03 0.56 22.19
CA LEU B 13 12.09 1.61 21.19
C LEU B 13 13.53 1.95 20.83
N ASP B 14 14.40 2.06 21.84
CA ASP B 14 15.79 2.43 21.60
C ASP B 14 16.47 1.42 20.67
N MET B 15 16.31 0.14 20.99
CA MET B 15 16.95 -0.90 20.20
C MET B 15 16.38 -0.99 18.79
N VAL B 16 15.11 -0.66 18.61
CA VAL B 16 14.50 -0.69 17.29
C VAL B 16 14.96 0.50 16.45
N GLN B 17 15.08 1.67 17.07
CA GLN B 17 15.65 2.81 16.36
C GLN B 17 17.11 2.56 16.00
N GLN B 18 17.83 1.81 16.81
CA GLN B 18 19.20 1.47 16.44
C GLN B 18 19.23 0.53 15.25
N MET B 19 18.31 -0.44 15.20
CA MET B 19 18.22 -1.31 14.04
C MET B 19 17.95 -0.51 12.78
N ILE B 20 17.05 0.47 12.85
CA ILE B 20 16.73 1.28 11.68
C ILE B 20 17.95 2.07 11.22
N LYS B 21 18.71 2.63 12.17
CA LYS B 21 19.89 3.42 11.82
C LYS B 21 20.94 2.55 11.14
N GLU B 22 21.18 1.36 11.70
CA GLU B 22 22.13 0.42 11.15
C GLU B 22 21.62 -0.27 9.89
N ARG B 23 20.41 0.05 9.44
CA ARG B 23 19.79 -0.56 8.28
C ARG B 23 19.69 -2.09 8.42
N LYS B 24 19.55 -2.57 9.65
CA LYS B 24 19.26 -3.97 9.87
C LYS B 24 17.80 -4.34 9.60
N ILE B 25 16.89 -3.36 9.63
CA ILE B 25 15.52 -3.56 9.22
C ILE B 25 15.11 -2.41 8.31
N ASP B 26 14.09 -2.66 7.50
CA ASP B 26 13.61 -1.67 6.54
C ASP B 26 12.27 -1.07 6.93
N TYR B 27 11.53 -1.69 7.83
CA TYR B 27 10.24 -1.16 8.30
C TYR B 27 9.97 -1.77 9.66
N VAL B 28 8.96 -1.23 10.33
CA VAL B 28 8.56 -1.69 11.65
C VAL B 28 7.10 -2.10 11.59
N GLU B 29 6.79 -3.31 12.05
CA GLU B 29 5.42 -3.78 12.18
C GLU B 29 4.94 -3.52 13.60
N MET B 30 4.02 -2.57 13.76
CA MET B 30 3.40 -2.29 15.05
C MET B 30 2.34 -3.32 15.39
N LEU B 31 2.38 -3.81 16.64
CA LEU B 31 1.21 -4.46 17.25
C LEU B 31 0.28 -3.33 17.67
N ILE B 32 -0.50 -2.84 16.69
CA ILE B 32 -1.00 -1.47 16.74
C ILE B 32 -2.12 -1.31 17.76
N ASP B 33 -2.90 -2.35 18.01
CA ASP B 33 -3.96 -2.18 18.99
C ASP B 33 -3.43 -2.12 20.42
N ASN B 34 -2.11 -2.33 20.65
CA ASN B 34 -1.49 -1.98 21.94
C ASN B 34 -1.37 -0.47 22.13
N PHE B 35 -1.47 0.33 21.07
CA PHE B 35 -1.02 1.72 21.09
C PHE B 35 -2.12 2.69 20.69
N VAL B 36 -3.39 2.29 20.82
CA VAL B 36 -4.48 3.10 20.27
C VAL B 36 -4.81 4.31 21.12
N HIS B 37 -4.14 4.50 22.26
CA HIS B 37 -4.31 5.72 23.05
C HIS B 37 -3.12 6.66 22.95
N LEU B 38 -2.07 6.30 22.20
CA LEU B 38 -1.00 7.24 21.88
C LEU B 38 -1.47 8.23 20.81
N PRO B 39 -0.82 9.39 20.70
CA PRO B 39 -0.98 10.21 19.47
C PRO B 39 -0.34 9.52 18.28
N PRO B 40 -1.11 9.22 17.24
CA PRO B 40 -0.53 8.46 16.11
C PRO B 40 0.70 9.12 15.51
N GLU B 41 0.74 10.46 15.53
CA GLU B 41 1.90 11.19 15.02
C GLU B 41 3.15 10.88 15.83
N GLN B 42 3.00 10.72 17.14
CA GLN B 42 4.16 10.38 17.96
C GLN B 42 4.77 9.06 17.50
N ILE B 43 3.94 8.07 17.15
CA ILE B 43 4.46 6.79 16.65
C ILE B 43 5.21 6.99 15.33
N ALA B 44 4.60 7.71 14.39
CA ALA B 44 5.26 7.92 13.10
C ALA B 44 6.61 8.59 13.29
N ASP B 45 6.67 9.64 14.13
CA ASP B 45 7.93 10.34 14.38
C ASP B 45 8.97 9.49 15.11
N SER B 46 8.59 8.38 15.72
CA SER B 46 9.53 7.57 16.49
C SER B 46 10.34 6.60 15.63
N PHE B 47 9.91 6.35 14.40
CA PHE B 47 10.52 5.39 13.50
C PHE B 47 10.74 6.07 12.16
N ASP B 48 12.00 6.12 11.73
CA ASP B 48 12.37 6.80 10.50
C ASP B 48 12.39 5.83 9.32
N CYS B 49 11.21 5.27 9.05
CA CYS B 49 11.02 4.20 8.08
C CYS B 49 9.53 3.93 8.00
N PRO B 50 9.05 3.21 6.99
CA PRO B 50 7.62 2.86 6.96
C PRO B 50 7.27 1.92 8.10
N VAL B 51 5.97 1.82 8.36
CA VAL B 51 5.44 0.92 9.38
C VAL B 51 4.37 0.06 8.73
N ALA B 52 4.07 -1.06 9.39
CA ALA B 52 2.91 -1.87 9.02
C ALA B 52 2.15 -2.18 10.30
N PHE B 53 0.89 -2.56 10.14
CA PHE B 53 0.02 -2.82 11.28
C PHE B 53 -0.26 -4.30 11.40
N HIS B 54 -0.18 -4.82 12.63
CA HIS B 54 -0.59 -6.17 12.96
C HIS B 54 -1.55 -6.06 14.13
N ILE B 55 -2.79 -6.50 13.95
CA ILE B 55 -3.82 -6.39 14.99
C ILE B 55 -3.96 -7.73 15.69
N MET B 56 -3.88 -7.71 17.03
CA MET B 56 -3.90 -8.90 17.89
C MET B 56 -5.28 -9.19 18.48
N LEU B 57 -5.82 -8.24 19.25
CA LEU B 57 -6.98 -8.50 20.10
C LEU B 57 -8.26 -7.82 19.63
N SER B 58 -8.41 -7.58 18.32
CA SER B 58 -9.73 -7.17 17.84
C SER B 58 -10.77 -8.25 18.14
N LYS B 59 -10.38 -9.52 18.15
CA LYS B 59 -11.32 -10.63 18.31
C LYS B 59 -12.51 -10.47 17.37
N TYR B 60 -12.27 -9.97 16.15
CA TYR B 60 -13.36 -9.58 15.25
C TYR B 60 -14.28 -10.75 14.91
N LEU B 61 -13.84 -11.99 15.08
CA LEU B 61 -14.75 -13.13 14.86
C LEU B 61 -15.85 -13.22 15.92
N GLU B 62 -15.64 -12.65 17.10
CA GLU B 62 -16.58 -12.86 18.21
C GLU B 62 -16.96 -11.59 18.95
N ARG B 63 -16.19 -10.51 18.84
CA ARG B 63 -16.47 -9.30 19.60
C ARG B 63 -17.78 -8.64 19.17
N ASP B 64 -18.58 -8.21 20.15
CA ASP B 64 -19.80 -7.47 19.89
C ASP B 64 -19.53 -6.29 18.96
N ARG B 65 -20.52 -5.97 18.11
CA ARG B 65 -20.25 -5.11 16.97
C ARG B 65 -19.99 -3.66 17.37
N GLU B 66 -20.65 -3.18 18.43
CA GLU B 66 -20.46 -1.78 18.86
C GLU B 66 -19.01 -1.52 19.30
N ALA B 67 -18.49 -2.33 20.22
CA ALA B 67 -17.10 -2.19 20.63
C ALA B 67 -16.15 -2.39 19.45
N LEU B 68 -16.45 -3.36 18.59
CA LEU B 68 -15.60 -3.61 17.43
C LEU B 68 -15.57 -2.42 16.48
N ALA B 69 -16.72 -1.75 16.30
CA ALA B 69 -16.78 -0.59 15.40
C ALA B 69 -15.97 0.58 15.95
N ALA B 70 -16.09 0.87 17.24
CA ALA B 70 -15.28 1.92 17.84
C ALA B 70 -13.80 1.64 17.60
N LEU B 71 -13.37 0.38 17.78
CA LEU B 71 -11.98 0.06 17.54
C LEU B 71 -11.63 0.17 16.07
N GLY B 72 -12.53 -0.26 15.18
CA GLY B 72 -12.31 -0.05 13.77
C GLY B 72 -12.19 1.42 13.41
N LYS B 73 -13.04 2.26 14.02
CA LYS B 73 -12.98 3.70 13.75
C LYS B 73 -11.65 4.30 14.20
N ARG B 74 -11.19 3.94 15.40
CA ARG B 74 -9.90 4.42 15.90
C ARG B 74 -8.75 3.98 15.00
N LEU B 75 -8.76 2.70 14.57
CA LEU B 75 -7.69 2.23 13.69
C LEU B 75 -7.72 2.92 12.32
N ARG B 76 -8.90 3.28 11.83
CA ARG B 76 -8.97 4.01 10.56
C ARG B 76 -8.21 5.33 10.66
N ARG B 77 -8.35 6.04 11.78
CA ARG B 77 -7.56 7.25 11.98
C ARG B 77 -6.06 6.94 11.98
N PHE B 78 -5.65 5.85 12.62
CA PHE B 78 -4.22 5.49 12.65
C PHE B 78 -3.72 5.13 11.25
N ILE B 79 -4.53 4.39 10.47
CA ILE B 79 -4.17 4.11 9.08
C ILE B 79 -4.00 5.41 8.29
N ASP B 80 -4.94 6.35 8.46
CA ASP B 80 -4.86 7.63 7.75
C ASP B 80 -3.56 8.37 8.09
N VAL B 81 -3.19 8.42 9.38
CA VAL B 81 -2.03 9.20 9.78
C VAL B 81 -0.73 8.50 9.42
N MET B 82 -0.63 7.20 9.68
CA MET B 82 0.66 6.53 9.52
C MET B 82 0.85 5.90 8.15
N ARG B 83 -0.23 5.65 7.42
CA ARG B 83 -0.17 5.02 6.10
C ARG B 83 0.67 3.75 6.08
N PRO B 84 0.29 2.72 6.84
CA PRO B 84 1.07 1.47 6.88
C PRO B 84 1.15 0.77 5.53
N VAL B 85 2.28 0.08 5.30
CA VAL B 85 2.44 -0.78 4.12
C VAL B 85 1.27 -1.75 4.01
N TYR B 86 0.88 -2.38 5.12
CA TYR B 86 -0.25 -3.28 5.12
C TYR B 86 -0.89 -3.27 6.49
N VAL B 87 -2.10 -3.82 6.56
CA VAL B 87 -2.85 -4.01 7.80
C VAL B 87 -3.20 -5.49 7.85
N SER B 88 -2.90 -6.14 8.99
CA SER B 88 -3.09 -7.58 9.15
C SER B 88 -3.75 -7.89 10.49
N ASP B 89 -4.43 -9.03 10.53
CA ASP B 89 -5.09 -9.54 11.74
C ASP B 89 -4.99 -11.06 11.72
N HIS B 90 -5.80 -11.74 12.55
CA HIS B 90 -5.65 -13.17 12.81
C HIS B 90 -6.97 -13.88 12.63
N ILE B 91 -6.89 -15.20 12.52
CA ILE B 91 -8.06 -16.07 12.60
C ILE B 91 -7.87 -16.97 13.81
N LEU B 92 -8.40 -16.55 14.95
CA LEU B 92 -8.11 -17.17 16.23
C LEU B 92 -9.39 -17.37 17.02
N TYR B 93 -9.41 -18.39 17.86
CA TYR B 93 -10.51 -18.64 18.78
C TYR B 93 -10.09 -18.18 20.18
N PHE B 94 -10.79 -17.19 20.75
CA PHE B 94 -10.37 -16.55 21.99
C PHE B 94 -11.17 -16.99 23.21
N THR B 95 -12.44 -17.32 23.05
CA THR B 95 -13.34 -17.48 24.18
C THR B 95 -14.24 -18.68 23.94
N HIS B 96 -14.26 -19.60 24.89
CA HIS B 96 -15.18 -20.73 24.83
C HIS B 96 -16.26 -20.54 25.88
N ASN B 97 -17.49 -20.31 25.43
CA ASN B 97 -18.65 -20.20 26.30
C ASN B 97 -18.39 -19.19 27.42
N GLY B 98 -17.84 -18.04 27.04
CA GLY B 98 -17.53 -16.98 27.99
C GLY B 98 -16.19 -17.11 28.71
N ARG B 99 -15.47 -18.21 28.56
CA ARG B 99 -14.22 -18.44 29.27
C ARG B 99 -13.04 -18.14 28.34
N SER B 100 -12.21 -17.19 28.74
CA SER B 100 -11.08 -16.78 27.91
C SER B 100 -10.02 -17.86 27.85
N LEU B 101 -9.53 -18.15 26.64
CA LEU B 101 -8.39 -19.03 26.45
C LEU B 101 -7.08 -18.29 26.69
N PHE B 102 -6.13 -18.95 27.35
CA PHE B 102 -4.81 -18.35 27.57
C PHE B 102 -3.78 -18.88 26.60
N HIS B 103 -3.99 -20.06 26.04
CA HIS B 103 -3.33 -20.51 24.83
C HIS B 103 -4.41 -20.58 23.75
N LEU B 104 -4.27 -19.75 22.72
CA LEU B 104 -5.40 -19.44 21.84
C LEU B 104 -5.70 -20.60 20.88
N GLY B 105 -6.98 -20.72 20.52
CA GLY B 105 -7.44 -21.87 19.78
C GLY B 105 -7.39 -21.68 18.29
N GLU B 106 -7.14 -22.79 17.58
CA GLU B 106 -7.26 -22.81 16.12
C GLU B 106 -8.75 -22.94 15.77
N ILE B 107 -9.23 -22.10 14.86
CA ILE B 107 -10.65 -22.20 14.54
C ILE B 107 -10.93 -23.49 13.76
N ASP B 108 -12.15 -23.98 13.90
CA ASP B 108 -12.65 -25.05 13.06
C ASP B 108 -12.84 -24.52 11.63
N TYR B 109 -12.03 -25.00 10.68
CA TYR B 109 -12.15 -24.57 9.29
C TYR B 109 -13.44 -25.05 8.63
N GLY B 110 -14.16 -25.99 9.25
CA GLY B 110 -15.51 -26.25 8.78
C GLY B 110 -16.45 -25.07 8.90
N GLU B 111 -16.12 -24.08 9.74
CA GLU B 111 -16.98 -22.93 10.00
C GLU B 111 -16.76 -21.78 9.01
N TYR B 112 -16.55 -22.11 7.74
CA TYR B 112 -16.19 -21.10 6.73
C TYR B 112 -17.19 -19.94 6.69
N ASP B 113 -18.50 -20.26 6.66
CA ASP B 113 -19.50 -19.21 6.46
C ASP B 113 -19.46 -18.19 7.60
N HIS B 114 -19.39 -18.68 8.85
CA HIS B 114 -19.20 -17.77 9.98
C HIS B 114 -17.97 -16.89 9.78
N VAL B 115 -16.84 -17.49 9.45
CA VAL B 115 -15.61 -16.68 9.32
C VAL B 115 -15.71 -15.72 8.14
N ARG B 116 -16.26 -16.15 7.01
CA ARG B 116 -16.34 -15.28 5.83
C ARG B 116 -17.12 -14.01 6.14
N SER B 117 -18.28 -14.15 6.78
CA SER B 117 -19.10 -13.00 7.13
C SER B 117 -18.40 -12.07 8.13
N LYS B 118 -17.77 -12.63 9.17
CA LYS B 118 -17.06 -11.78 10.12
C LYS B 118 -15.85 -11.11 9.47
N VAL B 119 -15.18 -11.78 8.53
CA VAL B 119 -14.01 -11.17 7.89
C VAL B 119 -14.43 -10.01 7.01
N GLU B 120 -15.52 -10.17 6.26
CA GLU B 120 -16.01 -9.11 5.38
C GLU B 120 -16.36 -7.86 6.20
N GLN B 121 -17.06 -8.05 7.31
CA GLN B 121 -17.42 -6.93 8.18
C GLN B 121 -16.19 -6.21 8.71
N TRP B 122 -15.19 -6.95 9.19
CA TRP B 122 -14.01 -6.32 9.79
C TRP B 122 -13.16 -5.62 8.74
N GLN B 123 -12.94 -6.25 7.58
CA GLN B 123 -12.22 -5.60 6.49
C GLN B 123 -12.92 -4.31 6.05
N ASP B 124 -14.25 -4.34 6.00
CA ASP B 124 -15.04 -3.17 5.64
C ASP B 124 -14.83 -2.06 6.67
N MET B 125 -14.86 -2.41 7.96
CA MET B 125 -14.64 -1.44 9.02
C MET B 125 -13.27 -0.77 8.92
N LEU B 126 -12.26 -1.50 8.48
CA LEU B 126 -10.91 -0.93 8.41
C LEU B 126 -10.69 -0.10 7.15
N GLY B 127 -11.58 -0.20 6.16
CA GLY B 127 -11.46 0.64 4.98
C GLY B 127 -10.23 0.41 4.14
N THR B 128 -9.51 -0.69 4.33
CA THR B 128 -8.41 -1.04 3.44
C THR B 128 -8.37 -2.55 3.30
N ARG B 129 -7.48 -3.04 2.45
CA ARG B 129 -7.30 -4.47 2.31
C ARG B 129 -6.74 -5.08 3.59
N LEU B 130 -7.36 -6.17 4.05
CA LEU B 130 -6.93 -6.87 5.25
C LEU B 130 -6.15 -8.12 4.88
N TYR B 131 -5.07 -8.39 5.61
CA TYR B 131 -4.29 -9.62 5.48
C TYR B 131 -4.48 -10.46 6.74
N LEU B 132 -4.67 -11.77 6.57
CA LEU B 132 -4.97 -12.67 7.67
C LEU B 132 -3.87 -13.73 7.81
N GLU B 133 -3.48 -14.01 9.04
CA GLU B 133 -2.32 -14.84 9.34
C GLU B 133 -2.74 -16.28 9.58
N ASN B 134 -1.91 -17.22 9.11
CA ASN B 134 -2.12 -18.63 9.38
C ASN B 134 -1.75 -18.98 10.82
N TYR B 135 -2.40 -20.02 11.35
CA TYR B 135 -2.23 -20.48 12.72
C TYR B 135 -1.12 -21.55 12.79
N PRO B 136 -0.32 -21.56 13.89
CA PRO B 136 0.69 -22.62 14.06
C PRO B 136 0.08 -23.92 14.58
N SER B 137 -0.59 -24.64 13.68
CA SER B 137 -1.46 -25.74 14.06
C SER B 137 -0.75 -26.81 14.91
N ILE B 138 -1.46 -27.28 15.92
CA ILE B 138 -1.07 -28.46 16.69
C ILE B 138 -1.91 -29.65 16.32
N MET B 139 -3.23 -29.46 16.26
CA MET B 139 -4.15 -30.52 15.85
C MET B 139 -4.33 -30.50 14.33
N ASP B 140 -5.10 -31.45 13.81
CA ASP B 140 -5.08 -31.79 12.40
C ASP B 140 -5.83 -30.80 11.52
N GLY B 141 -6.28 -29.66 12.05
CA GLY B 141 -6.77 -28.60 11.20
C GLY B 141 -5.75 -28.14 10.18
N ALA B 142 -4.46 -28.38 10.44
CA ALA B 142 -3.40 -27.96 9.52
C ALA B 142 -3.65 -28.44 8.10
N TRP B 143 -4.33 -29.58 7.93
CA TRP B 143 -4.55 -30.15 6.60
C TRP B 143 -5.61 -29.40 5.82
N ASP B 144 -6.53 -28.73 6.52
CA ASP B 144 -7.61 -27.96 5.90
C ASP B 144 -7.25 -26.49 5.71
N ALA B 145 -6.25 -25.98 6.43
CA ALA B 145 -6.02 -24.55 6.44
C ALA B 145 -5.63 -23.99 5.08
N PRO B 146 -4.65 -24.55 4.35
CA PRO B 146 -4.29 -23.93 3.06
C PRO B 146 -5.48 -23.71 2.13
N SER B 147 -6.36 -24.69 1.96
CA SER B 147 -7.46 -24.46 1.01
C SER B 147 -8.54 -23.56 1.61
N PHE B 148 -8.62 -23.46 2.94
CA PHE B 148 -9.52 -22.52 3.60
C PHE B 148 -9.09 -21.08 3.35
N TYR B 149 -7.80 -20.79 3.51
CA TYR B 149 -7.31 -19.44 3.25
C TYR B 149 -7.41 -19.07 1.76
N GLU B 150 -7.11 -20.00 0.86
CA GLU B 150 -7.31 -19.74 -0.57
C GLU B 150 -8.76 -19.35 -0.86
N ARG B 151 -9.71 -20.12 -0.32
CA ARG B 151 -11.13 -19.81 -0.51
C ARG B 151 -11.50 -18.46 0.08
N LEU B 152 -11.13 -18.23 1.35
CA LEU B 152 -11.41 -16.95 1.99
C LEU B 152 -10.85 -15.79 1.18
N SER B 153 -9.63 -15.95 0.67
CA SER B 153 -8.98 -14.89 -0.09
C SER B 153 -9.70 -14.63 -1.41
N ARG B 154 -10.03 -15.70 -2.15
CA ARG B 154 -10.85 -15.62 -3.35
C ARG B 154 -12.12 -14.82 -3.10
N GLU B 155 -12.92 -15.28 -2.12
CA GLU B 155 -14.28 -14.77 -1.95
C GLU B 155 -14.33 -13.37 -1.33
N THR B 156 -13.48 -13.10 -0.32
CA THR B 156 -13.53 -11.81 0.37
C THR B 156 -12.52 -10.80 -0.10
N GLY B 157 -11.48 -11.21 -0.82
CA GLY B 157 -10.44 -10.28 -1.21
C GLY B 157 -9.32 -10.08 -0.21
N VAL B 158 -9.37 -10.71 0.98
CA VAL B 158 -8.28 -10.52 1.94
C VAL B 158 -7.01 -11.14 1.40
N GLY B 159 -5.88 -10.58 1.80
CA GLY B 159 -4.61 -11.24 1.58
C GLY B 159 -4.32 -12.23 2.70
N VAL B 160 -3.30 -13.05 2.47
CA VAL B 160 -2.79 -13.99 3.47
C VAL B 160 -1.44 -13.45 3.95
N LEU B 161 -1.35 -13.10 5.23
CA LEU B 161 -0.04 -12.84 5.85
C LEU B 161 0.55 -14.20 6.22
N PHE B 162 1.49 -14.70 5.42
CA PHE B 162 1.93 -16.07 5.56
C PHE B 162 3.13 -16.09 6.51
N ASP B 163 2.93 -16.71 7.67
CA ASP B 163 3.98 -16.86 8.68
C ASP B 163 4.64 -18.20 8.46
N ALA B 164 5.89 -18.17 7.98
CA ALA B 164 6.56 -19.41 7.58
C ALA B 164 6.91 -20.29 8.78
N SER B 165 7.32 -19.70 9.91
CA SER B 165 7.59 -20.57 11.05
C SER B 165 6.31 -21.14 11.65
N ASN B 166 5.19 -20.42 11.55
CA ASN B 166 3.91 -21.00 11.98
C ASN B 166 3.58 -22.25 11.18
N ALA B 167 3.86 -22.21 9.87
CA ALA B 167 3.58 -23.35 9.04
C ALA B 167 4.55 -24.49 9.31
N ILE B 168 5.79 -24.17 9.68
CA ILE B 168 6.76 -25.21 10.05
C ILE B 168 6.32 -25.89 11.34
N CYS B 169 5.81 -25.13 12.30
CA CYS B 169 5.18 -25.73 13.47
C CYS B 169 4.10 -26.71 13.07
N ALA B 170 3.20 -26.27 12.17
CA ALA B 170 2.13 -27.14 11.70
C ALA B 170 2.68 -28.39 11.03
N GLN B 171 3.73 -28.23 10.22
CA GLN B 171 4.38 -29.39 9.60
C GLN B 171 4.92 -30.35 10.65
N ASN B 172 5.67 -29.85 11.62
CA ASN B 172 6.27 -30.73 12.62
C ASN B 172 5.20 -31.39 13.49
N ASN B 173 4.11 -30.67 13.74
CA ASN B 173 3.10 -31.15 14.68
C ASN B 173 2.12 -32.13 14.02
N THR B 174 1.87 -31.99 12.71
CA THR B 174 0.79 -32.73 12.08
C THR B 174 1.20 -33.53 10.85
N GLY B 175 2.38 -33.27 10.27
CA GLY B 175 2.75 -33.87 9.01
C GLY B 175 2.35 -33.09 7.78
N ALA B 176 1.59 -32.02 7.94
CA ALA B 176 1.10 -31.25 6.79
C ALA B 176 2.26 -30.49 6.17
N PRO B 177 2.74 -30.84 4.98
CA PRO B 177 3.92 -30.18 4.41
C PRO B 177 3.68 -28.69 4.22
N VAL B 178 4.76 -27.91 4.34
CA VAL B 178 4.64 -26.48 4.10
C VAL B 178 4.36 -26.22 2.62
N GLU B 179 4.62 -27.20 1.76
CA GLU B 179 4.39 -27.01 0.34
C GLU B 179 2.91 -26.94 -0.01
N LEU B 180 2.02 -27.36 0.90
CA LEU B 180 0.59 -27.08 0.73
C LEU B 180 0.30 -25.58 0.60
N TRP B 181 1.17 -24.70 1.10
CA TRP B 181 0.97 -23.26 1.07
C TRP B 181 1.67 -22.58 -0.10
N LYS B 182 2.22 -23.37 -1.02
CA LYS B 182 3.07 -22.85 -2.09
C LYS B 182 2.32 -21.84 -2.97
N LYS B 183 1.08 -22.15 -3.36
CA LYS B 183 0.26 -21.21 -4.12
C LYS B 183 0.05 -19.92 -3.33
N ILE B 184 -0.18 -20.02 -2.02
CA ILE B 184 -0.33 -18.79 -1.24
C ILE B 184 0.99 -18.04 -1.16
N ILE B 185 2.10 -18.76 -1.02
CA ILE B 185 3.40 -18.11 -0.92
C ILE B 185 3.74 -17.38 -2.21
N GLU B 186 3.30 -17.90 -3.36
CA GLU B 186 3.56 -17.28 -4.64
C GLU B 186 2.59 -16.16 -4.95
N THR B 187 1.64 -15.90 -4.06
CA THR B 187 0.64 -14.85 -4.23
C THR B 187 0.89 -13.66 -3.33
N THR B 188 1.02 -13.90 -2.02
CA THR B 188 1.09 -12.78 -1.10
C THR B 188 2.47 -12.12 -1.11
N ARG B 189 2.47 -10.82 -0.83
CA ARG B 189 3.70 -10.04 -0.64
C ARG B 189 4.23 -10.07 0.79
N HIS B 190 3.42 -10.46 1.78
CA HIS B 190 3.74 -10.16 3.17
C HIS B 190 3.87 -11.42 4.01
N PHE B 191 5.02 -11.54 4.70
CA PHE B 191 5.42 -12.74 5.40
C PHE B 191 5.87 -12.40 6.82
N HIS B 192 5.85 -13.45 7.64
CA HIS B 192 6.33 -13.45 9.01
C HIS B 192 7.32 -14.59 9.16
N VAL B 193 8.19 -14.47 10.16
CA VAL B 193 9.05 -15.58 10.55
C VAL B 193 9.60 -15.29 11.95
N ALA B 194 9.79 -16.36 12.72
CA ALA B 194 10.21 -16.26 14.12
C ALA B 194 10.86 -17.58 14.54
N GLY B 195 11.36 -17.60 15.77
CA GLY B 195 11.74 -18.85 16.37
C GLY B 195 10.56 -19.52 17.02
N TYR B 196 10.70 -20.81 17.29
CA TYR B 196 9.66 -21.55 17.98
C TYR B 196 10.29 -22.42 19.04
N GLY B 197 9.52 -22.71 20.08
CA GLY B 197 9.90 -23.62 21.13
C GLY B 197 9.15 -24.93 21.06
N THR B 198 9.15 -25.64 22.18
CA THR B 198 8.50 -26.95 22.26
C THR B 198 7.54 -26.99 23.45
N ALA B 199 6.68 -28.01 23.45
CA ALA B 199 5.92 -28.32 24.65
C ALA B 199 6.86 -28.77 25.75
N PHE B 200 6.61 -28.31 26.97
CA PHE B 200 7.51 -28.63 28.08
C PHE B 200 7.64 -30.14 28.23
N ILE B 201 6.52 -30.86 28.21
CA ILE B 201 6.55 -32.30 28.45
C ILE B 201 6.76 -33.13 27.19
N GLU B 202 6.81 -32.52 25.99
CA GLU B 202 6.97 -33.29 24.76
C GLU B 202 7.76 -32.47 23.74
N PRO B 203 9.05 -32.73 23.61
CA PRO B 203 9.86 -31.98 22.63
C PRO B 203 9.38 -32.10 21.18
N ARG B 204 8.53 -33.08 20.82
CA ARG B 204 8.14 -33.23 19.42
C ARG B 204 7.07 -32.22 18.98
N VAL B 205 6.32 -31.66 19.93
CA VAL B 205 5.26 -30.72 19.62
C VAL B 205 5.81 -29.30 19.71
N LYS B 206 5.72 -28.56 18.61
CA LYS B 206 6.34 -27.25 18.50
C LYS B 206 5.37 -26.17 18.95
N ALA B 207 5.90 -25.17 19.63
CA ALA B 207 5.11 -24.10 20.22
C ALA B 207 5.62 -22.77 19.68
N ASP B 208 4.70 -21.90 19.31
CA ASP B 208 5.03 -20.69 18.55
C ASP B 208 5.28 -19.55 19.52
N THR B 209 6.51 -19.50 20.04
CA THR B 209 6.80 -18.67 21.21
C THR B 209 7.57 -17.40 20.89
N HIS B 210 8.19 -17.30 19.70
CA HIS B 210 8.83 -16.07 19.25
C HIS B 210 9.91 -15.63 20.24
N ASP B 211 10.69 -16.58 20.74
CA ASP B 211 11.54 -16.34 21.91
C ASP B 211 12.97 -16.83 21.71
N ARG B 212 13.39 -17.05 20.47
CA ARG B 212 14.69 -17.65 20.21
C ARG B 212 14.95 -17.56 18.72
N GLU B 213 16.16 -17.96 18.32
CA GLU B 213 16.56 -17.91 16.92
C GLU B 213 15.81 -18.93 16.07
N MET B 214 15.74 -18.64 14.77
CA MET B 214 15.06 -19.51 13.83
C MET B 214 15.76 -20.87 13.72
N ALA B 215 14.95 -21.93 13.64
CA ALA B 215 15.43 -23.29 13.49
C ALA B 215 15.94 -23.55 12.07
N GLU B 216 16.68 -24.64 11.92
CA GLU B 216 17.27 -24.97 10.63
C GLU B 216 16.21 -25.30 9.58
N ASP B 217 15.11 -25.95 9.99
CA ASP B 217 14.11 -26.32 9.01
C ASP B 217 13.29 -25.12 8.56
N THR B 218 13.13 -24.11 9.44
CA THR B 218 12.58 -22.83 9.02
C THR B 218 13.48 -22.14 8.01
N LEU B 219 14.78 -22.09 8.29
CA LEU B 219 15.72 -21.43 7.40
C LEU B 219 15.87 -22.18 6.10
N ASP B 220 15.86 -23.52 6.13
CA ASP B 220 15.90 -24.28 4.89
C ASP B 220 14.64 -24.02 4.04
N PHE B 221 13.49 -23.89 4.70
CA PHE B 221 12.24 -23.55 4.00
C PHE B 221 12.37 -22.24 3.25
N LEU B 222 12.77 -21.16 3.94
CA LEU B 222 12.94 -19.86 3.31
C LEU B 222 13.97 -19.93 2.20
N SER B 223 15.07 -20.66 2.44
CA SER B 223 16.18 -20.70 1.49
C SER B 223 15.79 -21.43 0.20
N ARG B 224 15.20 -22.62 0.30
CA ARG B 224 14.96 -23.43 -0.89
C ARG B 224 13.81 -22.89 -1.73
N MET B 225 12.85 -22.19 -1.12
CA MET B 225 11.77 -21.54 -1.86
C MET B 225 11.91 -20.02 -1.88
N ARG B 226 13.15 -19.52 -1.86
CA ARG B 226 13.38 -18.08 -1.78
C ARG B 226 12.77 -17.32 -2.96
N THR B 227 12.75 -17.93 -4.15
CA THR B 227 12.20 -17.26 -5.33
C THR B 227 10.67 -17.23 -5.33
N SER B 228 10.03 -18.15 -4.61
CA SER B 228 8.58 -18.09 -4.42
C SER B 228 8.21 -17.01 -3.42
N PHE B 229 9.00 -16.87 -2.34
CA PHE B 229 8.80 -15.78 -1.38
C PHE B 229 9.07 -14.42 -2.02
N ASP B 230 10.26 -14.23 -2.56
CA ASP B 230 10.62 -12.93 -3.08
C ASP B 230 9.80 -12.61 -4.33
N LYS B 231 9.29 -11.39 -4.39
CA LYS B 231 8.48 -10.88 -5.48
C LYS B 231 8.39 -9.37 -5.31
N PRO B 232 7.89 -8.65 -6.31
CA PRO B 232 7.77 -7.18 -6.18
C PRO B 232 7.00 -6.76 -4.93
N GLY B 233 7.65 -5.94 -4.09
CA GLY B 233 7.02 -5.46 -2.87
C GLY B 233 6.98 -6.42 -1.70
N ALA B 234 7.70 -7.54 -1.76
CA ALA B 234 7.64 -8.52 -0.69
C ALA B 234 8.32 -8.00 0.57
N THR B 235 7.68 -8.26 1.72
CA THR B 235 8.23 -7.94 3.04
C THR B 235 8.18 -9.19 3.90
N ILE B 236 9.09 -9.30 4.86
CA ILE B 236 9.04 -10.38 5.84
C ILE B 236 9.43 -9.83 7.21
N THR B 237 8.54 -9.99 8.18
CA THR B 237 8.75 -9.47 9.52
C THR B 237 9.38 -10.55 10.41
N TYR B 238 10.54 -10.26 10.96
CA TYR B 238 11.09 -11.10 12.01
C TYR B 238 10.39 -10.77 13.33
N GLU B 239 9.90 -11.80 14.02
CA GLU B 239 9.13 -11.64 15.24
C GLU B 239 9.94 -12.09 16.44
N ARG B 240 10.01 -11.26 17.46
CA ARG B 240 10.70 -11.63 18.70
C ARG B 240 9.94 -10.98 19.84
N ASP B 241 9.20 -11.80 20.60
CA ASP B 241 8.34 -11.26 21.64
C ASP B 241 8.89 -11.45 23.03
N PHE B 242 9.87 -12.34 23.21
CA PHE B 242 10.52 -12.58 24.49
C PHE B 242 11.98 -12.89 24.19
N ASP B 243 12.79 -12.83 25.25
CA ASP B 243 14.25 -12.83 25.10
C ASP B 243 14.65 -11.83 24.01
N ILE B 244 14.21 -10.60 24.19
CA ILE B 244 14.44 -9.56 23.19
C ILE B 244 15.87 -9.04 23.36
N ASP B 245 16.81 -9.80 22.80
CA ASP B 245 18.24 -9.52 22.92
C ASP B 245 18.76 -9.04 21.58
N TYR B 246 19.41 -7.88 21.59
CA TYR B 246 19.81 -7.21 20.36
C TYR B 246 20.74 -8.07 19.51
N GLU B 247 21.73 -8.71 20.15
CA GLU B 247 22.71 -9.49 19.40
C GLU B 247 22.08 -10.72 18.76
N SER B 248 21.19 -11.40 19.48
CA SER B 248 20.52 -12.57 18.94
C SER B 248 19.60 -12.19 17.78
N ILE B 249 18.92 -11.06 17.90
CA ILE B 249 18.03 -10.58 16.85
C ILE B 249 18.82 -10.18 15.61
N SER B 250 19.99 -9.57 15.79
CA SER B 250 20.78 -9.16 14.63
C SER B 250 21.25 -10.38 13.84
N VAL B 251 21.61 -11.44 14.55
CA VAL B 251 22.02 -12.69 13.90
C VAL B 251 20.91 -13.19 12.99
N ASP B 252 19.69 -13.31 13.52
CA ASP B 252 18.57 -13.79 12.71
C ASP B 252 18.25 -12.81 11.59
N LEU B 253 18.25 -11.51 11.88
CA LEU B 253 18.03 -10.52 10.82
C LEU B 253 19.10 -10.63 9.73
N LYS B 254 20.34 -10.95 10.11
CA LYS B 254 21.40 -11.10 9.13
C LYS B 254 21.24 -12.37 8.31
N ARG B 255 20.76 -13.45 8.94
CA ARG B 255 20.46 -14.66 8.18
C ARG B 255 19.35 -14.41 7.16
N LEU B 256 18.36 -13.58 7.52
CA LEU B 256 17.32 -13.23 6.56
C LEU B 256 17.90 -12.43 5.40
N ARG B 257 18.82 -11.52 5.70
CA ARG B 257 19.44 -10.73 4.63
C ARG B 257 20.34 -11.59 3.75
N ASP B 258 20.86 -12.70 4.29
CA ASP B 258 21.65 -13.64 3.50
C ASP B 258 20.78 -14.40 2.52
N ILE B 259 19.56 -14.77 2.92
CA ILE B 259 18.65 -15.42 1.99
C ILE B 259 18.04 -14.43 1.00
N PHE B 260 17.77 -13.19 1.44
CA PHE B 260 17.15 -12.15 0.61
C PHE B 260 17.99 -10.89 0.61
N PRO B 261 18.99 -10.80 -0.28
CA PRO B 261 19.87 -9.64 -0.29
C PRO B 261 19.22 -8.39 -0.85
N CYS B 262 19.70 -7.23 -0.40
CA CYS B 262 19.10 -5.93 -0.66
C CYS B 262 19.80 -5.22 -1.82
N VAL B 263 19.52 -3.91 -1.94
CA VAL B 263 20.03 -2.98 -2.98
C VAL B 263 20.79 -3.63 -4.14
N MET C 1 9.85 -37.15 10.36
CA MET C 1 8.73 -36.80 11.22
C MET C 1 8.41 -37.87 12.26
N SER C 2 8.19 -37.45 13.50
CA SER C 2 7.62 -38.29 14.55
C SER C 2 6.40 -37.60 15.13
N LEU C 3 5.22 -38.17 14.88
CA LEU C 3 3.94 -37.54 15.18
C LEU C 3 3.23 -38.25 16.31
N LEU C 4 2.45 -37.50 17.08
CA LEU C 4 1.61 -38.05 18.12
C LEU C 4 0.20 -38.21 17.59
N PRO C 5 -0.51 -39.30 17.89
CA PRO C 5 -1.84 -39.48 17.30
C PRO C 5 -2.83 -38.54 17.97
N THR C 6 -3.73 -37.96 17.17
CA THR C 6 -4.76 -37.10 17.76
C THR C 6 -5.83 -37.92 18.49
N ALA C 7 -5.84 -39.24 18.32
CA ALA C 7 -6.32 -40.18 19.32
C ALA C 7 -7.84 -40.07 19.48
N PRO C 8 -8.48 -39.67 20.60
CA PRO C 8 -9.96 -39.61 20.54
C PRO C 8 -10.47 -38.45 19.69
N VAL C 9 -9.67 -37.42 19.42
CA VAL C 9 -10.15 -36.22 18.75
C VAL C 9 -9.38 -36.00 17.45
N ARG C 10 -9.58 -34.85 16.81
CA ARG C 10 -8.87 -34.55 15.58
C ARG C 10 -8.43 -33.08 15.51
N ILE C 11 -9.34 -32.15 15.80
CA ILE C 11 -9.07 -30.73 15.61
C ILE C 11 -9.14 -30.04 16.98
N ASP C 12 -8.68 -28.77 16.99
CA ASP C 12 -8.64 -28.03 18.25
C ASP C 12 -10.03 -27.86 18.85
N ALA C 13 -11.05 -27.70 17.99
CA ALA C 13 -12.41 -27.48 18.47
C ALA C 13 -12.96 -28.68 19.24
N ASP C 14 -12.44 -29.89 19.00
CA ASP C 14 -12.81 -31.01 19.85
C ASP C 14 -12.24 -30.86 21.27
N LEU C 15 -11.27 -29.98 21.50
CA LEU C 15 -10.62 -29.85 22.80
C LEU C 15 -11.04 -28.61 23.58
N TYR C 16 -11.69 -27.64 22.92
CA TYR C 16 -11.97 -26.32 23.49
C TYR C 16 -12.46 -26.41 24.93
N ASP C 17 -13.45 -27.26 25.20
CA ASP C 17 -14.06 -27.25 26.51
C ASP C 17 -13.15 -27.78 27.62
N ASP C 18 -12.11 -28.53 27.29
CA ASP C 18 -11.21 -29.12 28.28
C ASP C 18 -9.89 -28.37 28.42
N LEU C 19 -9.72 -27.22 27.75
CA LEU C 19 -8.44 -26.53 27.79
C LEU C 19 -8.11 -25.95 29.16
N ALA C 20 -9.09 -25.72 30.04
CA ALA C 20 -8.79 -25.13 31.34
C ALA C 20 -9.08 -26.09 32.50
N ASN C 21 -9.19 -27.39 32.22
CA ASN C 21 -9.67 -28.37 33.20
C ASN C 21 -8.60 -29.41 33.51
N PRO C 22 -7.79 -29.20 34.55
CA PRO C 22 -6.77 -30.20 34.90
C PRO C 22 -7.34 -31.56 35.25
N ALA C 23 -8.59 -31.64 35.74
CA ALA C 23 -9.14 -32.93 36.16
C ALA C 23 -9.50 -33.82 34.96
N ARG C 24 -9.93 -33.23 33.84
CA ARG C 24 -10.31 -34.02 32.68
C ARG C 24 -9.14 -34.31 31.75
N GLN C 25 -7.95 -33.76 32.01
CA GLN C 25 -6.83 -33.98 31.10
C GLN C 25 -6.48 -35.47 31.01
N SER C 26 -6.57 -36.20 32.13
CA SER C 26 -6.22 -37.62 32.15
C SER C 26 -7.17 -38.50 31.35
N LEU C 27 -8.35 -37.98 30.97
CA LEU C 27 -9.26 -38.73 30.11
C LEU C 27 -8.73 -38.95 28.71
N TYR C 28 -7.66 -38.24 28.29
CA TYR C 28 -6.95 -38.39 27.01
C TYR C 28 -5.72 -39.25 27.17
N PRO C 29 -5.37 -40.11 26.20
CA PRO C 29 -4.18 -40.94 26.36
C PRO C 29 -2.92 -40.09 26.50
N ARG C 30 -2.10 -40.46 27.49
CA ARG C 30 -0.91 -39.68 27.84
C ARG C 30 0.03 -39.47 26.65
N ASP C 31 0.13 -40.44 25.75
CA ASP C 31 1.01 -40.32 24.59
C ASP C 31 0.31 -39.74 23.37
N SER C 32 -0.78 -39.02 23.54
CA SER C 32 -1.58 -38.54 22.42
C SER C 32 -1.43 -37.03 22.28
N ARG C 33 -1.72 -36.54 21.07
CA ARG C 33 -1.48 -35.12 20.81
C ARG C 33 -2.43 -34.24 21.62
N GLY C 34 -3.67 -34.66 21.86
CA GLY C 34 -4.59 -33.83 22.62
C GLY C 34 -4.16 -33.64 24.07
N PHE C 35 -3.66 -34.70 24.71
CA PHE C 35 -3.08 -34.57 26.05
C PHE C 35 -2.03 -33.47 26.09
N ILE C 36 -1.13 -33.48 25.10
CA ILE C 36 -0.08 -32.47 25.04
C ILE C 36 -0.67 -31.10 24.76
N ARG C 37 -1.66 -31.02 23.87
CA ARG C 37 -2.26 -29.72 23.56
C ARG C 37 -2.92 -29.13 24.81
N ILE C 38 -3.58 -29.97 25.60
CA ILE C 38 -4.20 -29.49 26.83
C ILE C 38 -3.12 -29.08 27.83
N ASP C 39 -1.99 -29.80 27.85
CA ASP C 39 -0.90 -29.47 28.76
C ASP C 39 -0.28 -28.10 28.46
N ILE C 40 -0.13 -27.76 27.17
CA ILE C 40 0.38 -26.43 26.82
C ILE C 40 -0.56 -25.35 27.33
N SER C 41 -1.86 -25.57 27.17
CA SER C 41 -2.86 -24.62 27.67
C SER C 41 -2.82 -24.53 29.20
N LEU C 42 -2.82 -25.68 29.89
CA LEU C 42 -2.82 -25.63 31.34
C LEU C 42 -1.56 -24.94 31.86
N ARG C 43 -0.42 -25.15 31.19
CA ARG C 43 0.79 -24.48 31.63
C ARG C 43 0.75 -22.98 31.37
N ALA C 44 -0.04 -22.54 30.38
CA ALA C 44 -0.23 -21.10 30.15
C ALA C 44 -0.99 -20.47 31.31
N TYR C 45 -2.02 -21.15 31.83
CA TYR C 45 -2.69 -20.66 33.02
C TYR C 45 -1.74 -20.65 34.21
N TRP C 46 -1.00 -21.74 34.41
CA TRP C 46 -0.09 -21.87 35.54
C TRP C 46 0.93 -20.75 35.56
N HIS C 47 1.67 -20.59 34.46
CA HIS C 47 2.73 -19.58 34.40
C HIS C 47 2.15 -18.18 34.45
N THR C 48 0.97 -17.95 33.85
CA THR C 48 0.37 -16.63 33.94
C THR C 48 0.08 -16.27 35.39
N LEU C 49 -0.34 -17.25 36.19
CA LEU C 49 -0.63 -16.99 37.60
C LEU C 49 0.64 -16.82 38.41
N PHE C 50 1.58 -17.77 38.28
CA PHE C 50 2.70 -17.84 39.21
C PHE C 50 3.97 -17.14 38.74
N ASP C 51 4.19 -16.99 37.43
CA ASP C 51 5.28 -16.13 36.99
C ASP C 51 5.04 -14.70 37.42
N THR C 52 3.77 -14.26 37.44
CA THR C 52 3.42 -12.88 37.74
C THR C 52 3.28 -12.61 39.23
N CYS C 53 2.85 -13.59 40.01
CA CYS C 53 2.72 -13.48 41.47
C CYS C 53 3.52 -14.60 42.11
N PRO C 54 4.85 -14.53 42.07
CA PRO C 54 5.66 -15.67 42.54
C PRO C 54 5.49 -15.95 44.01
N ARG C 55 5.06 -14.98 44.80
CA ARG C 55 4.91 -15.21 46.23
C ARG C 55 3.76 -16.14 46.54
N LEU C 56 2.88 -16.42 45.57
CA LEU C 56 1.85 -17.42 45.82
C LEU C 56 2.46 -18.82 45.91
N LEU C 57 3.61 -19.04 45.29
CA LEU C 57 4.29 -20.32 45.42
C LEU C 57 4.83 -20.55 46.83
N GLU C 58 4.98 -19.51 47.63
CA GLU C 58 5.32 -19.71 49.02
C GLU C 58 4.16 -20.33 49.78
N LEU C 59 2.93 -20.08 49.32
CA LEU C 59 1.77 -20.69 49.96
C LEU C 59 1.59 -22.13 49.52
N SER C 60 1.60 -22.38 48.22
CA SER C 60 1.32 -23.71 47.71
C SER C 60 2.51 -24.65 47.82
N GLY C 61 3.73 -24.12 47.90
CA GLY C 61 4.90 -24.91 47.61
C GLY C 61 5.24 -24.83 46.12
N PRO C 62 6.43 -25.33 45.75
CA PRO C 62 6.96 -25.05 44.40
C PRO C 62 6.11 -25.59 43.26
N SER C 63 5.33 -26.65 43.48
CA SER C 63 4.52 -27.21 42.41
C SER C 63 3.32 -26.33 42.07
N GLY C 64 2.91 -25.43 42.96
CA GLY C 64 1.67 -24.71 42.79
C GLY C 64 0.42 -25.53 42.90
N GLY C 65 0.54 -26.85 43.10
CA GLY C 65 -0.63 -27.72 42.97
C GLY C 65 -1.74 -27.39 43.96
N ALA C 66 -1.38 -27.06 45.21
CA ALA C 66 -2.43 -26.88 46.20
C ALA C 66 -3.28 -25.63 45.96
N ILE C 67 -2.85 -24.72 45.08
CA ILE C 67 -3.67 -23.59 44.63
C ILE C 67 -4.26 -23.86 43.25
N PHE C 68 -3.43 -24.31 42.32
CA PHE C 68 -3.83 -24.43 40.92
C PHE C 68 -4.99 -25.40 40.75
N LEU C 69 -4.84 -26.63 41.25
CA LEU C 69 -5.86 -27.64 41.01
C LEU C 69 -7.21 -27.27 41.60
N PRO C 70 -7.33 -26.86 42.87
CA PRO C 70 -8.68 -26.50 43.36
C PRO C 70 -9.19 -25.19 42.80
N PHE C 71 -8.33 -24.22 42.49
CA PHE C 71 -8.85 -22.97 41.91
C PHE C 71 -9.44 -23.24 40.53
N MET C 72 -8.70 -23.96 39.67
CA MET C 72 -9.20 -24.28 38.34
C MET C 72 -10.52 -25.04 38.43
N ALA C 73 -10.63 -26.00 39.36
CA ALA C 73 -11.90 -26.70 39.57
C ALA C 73 -12.98 -25.77 40.09
N TRP C 74 -12.64 -24.87 41.02
CA TRP C 74 -13.61 -23.90 41.49
C TRP C 74 -13.97 -22.89 40.41
N ALA C 75 -12.99 -22.52 39.58
CA ALA C 75 -13.26 -21.59 38.48
C ALA C 75 -14.24 -22.19 37.47
N ARG C 76 -14.05 -23.47 37.11
CA ARG C 76 -14.99 -24.14 36.22
C ARG C 76 -16.37 -24.28 36.87
N GLU C 77 -16.41 -24.58 38.17
CA GLU C 77 -17.67 -24.71 38.89
C GLU C 77 -18.46 -23.41 38.85
N ASN C 78 -17.84 -22.31 39.26
CA ASN C 78 -18.45 -20.99 39.32
C ASN C 78 -18.45 -20.27 37.98
N ASN C 79 -17.99 -20.94 36.91
CA ASN C 79 -17.98 -20.41 35.54
C ASN C 79 -17.29 -19.04 35.46
N LEU C 80 -16.06 -18.99 35.96
CA LEU C 80 -15.30 -17.75 35.85
C LEU C 80 -14.87 -17.55 34.40
N ALA C 81 -14.73 -16.28 34.01
CA ALA C 81 -14.40 -15.95 32.64
C ALA C 81 -12.91 -15.94 32.35
N PHE C 82 -12.07 -15.99 33.39
CA PHE C 82 -10.62 -15.80 33.27
C PHE C 82 -10.31 -14.51 32.49
N ASP C 83 -11.07 -13.46 32.80
CA ASP C 83 -10.79 -12.13 32.29
C ASP C 83 -9.67 -11.49 33.13
N TRP C 84 -9.53 -10.16 33.01
CA TRP C 84 -8.50 -9.43 33.73
C TRP C 84 -8.56 -9.65 35.25
N SER C 85 -9.77 -9.83 35.82
CA SER C 85 -9.98 -10.05 37.26
C SER C 85 -9.51 -11.47 37.75
N PHE C 86 -8.88 -12.25 36.86
CA PHE C 86 -8.34 -13.58 37.16
C PHE C 86 -7.53 -13.63 38.47
N PHE C 87 -6.50 -12.82 38.59
CA PHE C 87 -5.69 -12.83 39.81
C PHE C 87 -6.50 -12.47 41.04
N LEU C 88 -7.47 -11.56 40.90
CA LEU C 88 -8.26 -11.15 42.06
C LEU C 88 -9.13 -12.29 42.56
N TRP C 89 -9.72 -13.06 41.64
CA TRP C 89 -10.55 -14.21 42.02
C TRP C 89 -9.72 -15.32 42.67
N VAL C 90 -8.45 -15.48 42.28
CA VAL C 90 -7.58 -16.41 43.00
C VAL C 90 -7.44 -15.97 44.44
N TYR C 91 -7.24 -14.66 44.66
CA TYR C 91 -7.12 -14.16 46.02
C TYR C 91 -8.41 -14.34 46.82
N VAL C 92 -9.55 -14.08 46.20
CA VAL C 92 -10.85 -14.38 46.81
C VAL C 92 -10.89 -15.84 47.22
N TRP C 93 -10.58 -16.75 46.28
CA TRP C 93 -10.58 -18.17 46.61
C TRP C 93 -9.63 -18.46 47.77
N LEU C 94 -8.43 -17.87 47.75
CA LEU C 94 -7.47 -18.09 48.82
C LEU C 94 -8.01 -17.64 50.18
N GLN C 95 -8.90 -16.64 50.19
CA GLN C 95 -9.42 -16.12 51.45
C GLN C 95 -10.35 -17.11 52.15
N GLN C 96 -10.90 -18.07 51.43
CA GLN C 96 -11.74 -19.11 52.02
C GLN C 96 -11.03 -20.48 52.03
N SER C 97 -9.72 -20.50 51.82
CA SER C 97 -8.97 -21.74 51.65
C SER C 97 -8.17 -22.06 52.92
N GLU C 98 -7.39 -23.14 52.84
CA GLU C 98 -6.48 -23.51 53.91
C GLU C 98 -5.38 -22.47 54.13
N PHE C 99 -5.14 -21.59 53.16
CA PHE C 99 -4.07 -20.61 53.29
C PHE C 99 -4.57 -19.28 53.80
N ARG C 100 -5.85 -19.15 54.13
CA ARG C 100 -6.43 -17.84 54.38
C ARG C 100 -5.74 -17.09 55.52
N GLU C 101 -5.12 -17.80 56.46
CA GLU C 101 -4.49 -17.13 57.58
C GLU C 101 -3.13 -16.53 57.24
N ARG C 102 -2.55 -16.88 56.08
CA ARG C 102 -1.23 -16.41 55.69
C ARG C 102 -1.27 -15.30 54.65
N LEU C 103 -2.42 -14.65 54.47
CA LEU C 103 -2.53 -13.56 53.52
C LEU C 103 -2.22 -12.24 54.21
N ASP C 104 -1.39 -11.42 53.56
CA ASP C 104 -1.09 -10.08 54.04
C ASP C 104 -0.87 -9.17 52.83
N GLU C 105 -0.44 -7.94 53.09
CA GLU C 105 -0.28 -6.98 52.01
C GLU C 105 0.76 -7.43 51.01
N ASP C 106 1.70 -8.29 51.41
CA ASP C 106 2.73 -8.75 50.49
C ASP C 106 2.25 -9.80 49.50
N GLN C 107 1.13 -10.48 49.78
CA GLN C 107 0.48 -11.30 48.77
C GLN C 107 -0.56 -10.51 47.99
N LEU C 108 -1.15 -9.49 48.61
CA LEU C 108 -2.28 -8.79 48.03
C LEU C 108 -1.85 -7.80 46.93
N LEU C 109 -0.79 -7.04 47.15
CA LEU C 109 -0.43 -6.01 46.17
C LEU C 109 0.04 -6.62 44.85
N PRO C 110 0.77 -7.74 44.84
CA PRO C 110 1.07 -8.39 43.55
C PRO C 110 -0.15 -8.81 42.76
N VAL C 111 -1.21 -9.34 43.38
CA VAL C 111 -2.33 -9.80 42.57
C VAL C 111 -3.16 -8.62 42.06
N MET C 112 -3.21 -7.52 42.82
CA MET C 112 -3.89 -6.32 42.31
C MET C 112 -3.12 -5.70 41.16
N THR C 113 -1.79 -5.59 41.31
CA THR C 113 -0.93 -5.13 40.23
C THR C 113 -1.08 -5.99 39.00
N ALA C 114 -1.12 -7.32 39.19
CA ALA C 114 -1.21 -8.24 38.06
C ALA C 114 -2.56 -8.13 37.35
N SER C 115 -3.64 -7.91 38.11
CA SER C 115 -4.95 -7.72 37.49
C SER C 115 -5.03 -6.38 36.75
N ALA C 116 -4.49 -5.32 37.35
CA ALA C 116 -4.49 -4.02 36.68
C ALA C 116 -3.64 -4.07 35.41
N THR C 117 -2.50 -4.77 35.47
CA THR C 117 -1.66 -4.94 34.30
C THR C 117 -2.39 -5.72 33.21
N ARG C 118 -3.07 -6.80 33.59
CA ARG C 118 -3.78 -7.59 32.60
C ARG C 118 -4.88 -6.78 31.94
N TRP C 119 -5.60 -5.97 32.72
CA TRP C 119 -6.65 -5.13 32.15
C TRP C 119 -6.06 -4.16 31.13
N LEU C 120 -5.00 -3.44 31.48
CA LEU C 120 -4.49 -2.44 30.56
C LEU C 120 -3.86 -3.07 29.32
N MET C 121 -3.46 -4.34 29.39
CA MET C 121 -2.88 -4.99 28.23
C MET C 121 -3.92 -5.66 27.33
N ILE C 122 -5.05 -6.09 27.87
CA ILE C 122 -5.99 -6.89 27.12
C ILE C 122 -7.23 -6.12 26.70
N ASP C 123 -7.67 -5.14 27.49
CA ASP C 123 -8.92 -4.47 27.22
C ASP C 123 -8.86 -3.64 25.94
N ARG C 124 -9.95 -3.66 25.19
CA ARG C 124 -10.02 -2.95 23.92
C ARG C 124 -11.20 -2.01 23.88
N ASP C 125 -11.80 -1.68 25.02
CA ASP C 125 -12.81 -0.61 25.11
C ASP C 125 -12.10 0.74 24.94
N ILE C 126 -12.25 1.32 23.75
CA ILE C 126 -11.61 2.58 23.39
C ILE C 126 -11.96 3.69 24.37
N ASP C 127 -13.12 3.59 25.02
CA ASP C 127 -13.57 4.65 25.91
C ASP C 127 -13.13 4.49 27.36
N ALA C 128 -12.38 3.44 27.69
CA ALA C 128 -11.89 3.24 29.06
C ALA C 128 -10.39 3.36 29.04
N CYS C 129 -9.86 4.37 29.73
CA CYS C 129 -8.43 4.65 29.70
C CYS C 129 -7.67 4.15 30.93
N GLN C 130 -8.30 4.11 32.10
CA GLN C 130 -7.68 3.55 33.29
C GLN C 130 -8.67 2.67 34.04
N ILE C 131 -8.13 1.69 34.78
CA ILE C 131 -8.89 0.96 35.78
C ILE C 131 -8.34 1.31 37.17
N VAL C 132 -9.25 1.51 38.11
CA VAL C 132 -8.93 1.81 39.49
C VAL C 132 -9.44 0.63 40.32
N LEU C 133 -8.55 -0.03 41.05
CA LEU C 133 -8.89 -1.20 41.86
C LEU C 133 -8.88 -0.82 43.33
N GLY C 134 -9.94 -1.17 44.04
CA GLY C 134 -9.97 -0.99 45.47
C GLY C 134 -10.02 -2.31 46.22
N SER C 135 -9.63 -2.31 47.49
CA SER C 135 -9.57 -3.53 48.29
C SER C 135 -9.86 -3.18 49.73
N ARG C 136 -10.64 -4.03 50.42
CA ARG C 136 -10.84 -3.86 51.85
C ARG C 136 -9.55 -4.00 52.64
N SER C 137 -8.54 -4.65 52.08
CA SER C 137 -7.24 -4.80 52.75
C SER C 137 -6.23 -3.72 52.32
N LEU C 138 -6.72 -2.62 51.73
CA LEU C 138 -5.86 -1.56 51.19
C LEU C 138 -6.54 -0.22 51.47
N ALA C 139 -6.34 0.28 52.69
CA ALA C 139 -7.13 1.40 53.19
C ALA C 139 -6.76 2.72 52.51
N GLY C 140 -7.77 3.42 51.99
CA GLY C 140 -7.62 4.74 51.41
C GLY C 140 -6.82 4.82 50.13
N ALA C 141 -6.21 3.73 49.69
CA ALA C 141 -5.37 3.71 48.50
C ALA C 141 -6.04 2.89 47.41
N ALA C 142 -5.52 3.03 46.20
CA ALA C 142 -6.01 2.25 45.09
C ALA C 142 -4.82 1.85 44.22
N VAL C 143 -5.03 0.81 43.42
CA VAL C 143 -4.10 0.42 42.37
C VAL C 143 -4.73 0.83 41.03
N VAL C 144 -3.98 1.59 40.24
CA VAL C 144 -4.46 2.16 38.99
C VAL C 144 -3.70 1.55 37.84
N GLY C 145 -4.41 0.98 36.89
CA GLY C 145 -3.77 0.52 35.69
C GLY C 145 -4.13 1.45 34.55
N ALA C 146 -3.14 2.05 33.91
CA ALA C 146 -3.37 3.03 32.85
C ALA C 146 -2.86 2.47 31.53
N LYS C 147 -3.71 2.50 30.51
CA LYS C 147 -3.27 2.19 29.16
C LYS C 147 -2.17 3.15 28.72
N ILE C 148 -1.36 2.69 27.78
CA ILE C 148 -0.24 3.49 27.30
C ILE C 148 -0.77 4.70 26.55
N ASP C 149 -0.25 5.88 26.88
CA ASP C 149 -0.59 7.08 26.13
C ASP C 149 0.62 7.89 25.69
N SER C 150 1.83 7.44 26.01
CA SER C 150 3.05 8.04 25.47
C SER C 150 4.04 6.92 25.20
N ILE C 151 4.66 6.94 24.02
CA ILE C 151 5.72 5.98 23.74
C ILE C 151 6.99 6.25 24.52
N HIS C 152 7.10 7.42 25.18
CA HIS C 152 8.31 7.81 25.89
C HIS C 152 8.19 7.70 27.40
N CYS C 153 7.00 7.36 27.93
CA CYS C 153 6.80 7.32 29.38
C CYS C 153 7.84 6.42 30.03
N ARG C 154 8.49 6.93 31.07
CA ARG C 154 9.49 6.16 31.80
C ARG C 154 8.93 5.46 33.04
N LEU C 155 7.63 5.60 33.31
CA LEU C 155 7.01 5.02 34.50
C LEU C 155 6.31 3.70 34.18
N GLU C 156 6.04 2.94 35.24
CA GLU C 156 5.22 1.75 35.07
C GLU C 156 3.77 2.15 34.79
N GLN C 157 3.09 1.34 33.99
CA GLN C 157 1.70 1.64 33.66
C GLN C 157 0.73 1.35 34.81
N VAL C 158 1.21 0.74 35.89
CA VAL C 158 0.41 0.43 37.08
C VAL C 158 1.08 1.11 38.24
N GLN C 159 0.29 1.83 39.05
CA GLN C 159 0.81 2.54 40.21
C GLN C 159 -0.15 2.40 41.37
N GLN C 160 0.37 2.58 42.58
CA GLN C 160 -0.45 2.72 43.77
C GLN C 160 -0.69 4.20 44.02
N VAL C 161 -1.93 4.58 44.25
CA VAL C 161 -2.34 5.98 44.22
C VAL C 161 -3.15 6.29 45.48
N ALA C 162 -2.79 7.39 46.16
CA ALA C 162 -3.49 7.85 47.35
C ALA C 162 -4.49 8.95 46.97
N PHE C 163 -5.70 8.83 47.52
CA PHE C 163 -6.76 9.79 47.28
C PHE C 163 -6.79 10.87 48.35
N ALA C 164 -7.14 12.10 47.95
CA ALA C 164 -7.13 13.20 48.89
C ALA C 164 -8.16 13.00 49.98
N ALA C 165 -9.31 12.45 49.63
CA ALA C 165 -10.37 12.24 50.60
C ALA C 165 -10.58 10.75 50.83
N PRO C 166 -10.96 10.36 52.04
CA PRO C 166 -11.16 8.93 52.34
C PRO C 166 -12.07 8.25 51.31
N LEU C 167 -11.62 7.11 50.85
CA LEU C 167 -12.28 6.25 49.88
C LEU C 167 -13.13 5.21 50.60
N PRO C 168 -14.38 5.00 50.19
CA PRO C 168 -15.19 3.95 50.82
C PRO C 168 -14.56 2.58 50.61
N LEU C 169 -14.85 1.68 51.55
CA LEU C 169 -14.48 0.29 51.35
C LEU C 169 -15.40 -0.33 50.28
N PRO C 170 -14.87 -1.22 49.44
CA PRO C 170 -15.76 -2.01 48.59
C PRO C 170 -16.59 -2.95 49.44
N ASP C 171 -17.74 -3.36 48.89
CA ASP C 171 -18.61 -4.31 49.59
C ASP C 171 -17.92 -5.67 49.75
N GLY C 172 -17.55 -6.29 48.64
CA GLY C 172 -16.70 -7.48 48.68
C GLY C 172 -15.25 -7.10 48.93
N GLU C 173 -14.37 -8.11 48.91
CA GLU C 173 -12.95 -7.85 49.08
C GLU C 173 -12.46 -6.80 48.09
N PHE C 174 -12.84 -6.94 46.83
CA PHE C 174 -12.35 -6.08 45.77
C PHE C 174 -13.50 -5.30 45.14
N GLY C 175 -13.14 -4.17 44.55
CA GLY C 175 -14.05 -3.37 43.78
C GLY C 175 -13.21 -2.59 42.80
N TYR C 176 -13.84 -2.15 41.71
CA TYR C 176 -13.12 -1.40 40.70
C TYR C 176 -14.04 -0.38 40.04
N PHE C 177 -13.44 0.55 39.29
CA PHE C 177 -14.18 1.37 38.34
C PHE C 177 -13.22 1.82 37.26
N LEU C 178 -13.80 2.29 36.16
CA LEU C 178 -13.06 2.69 34.97
C LEU C 178 -13.15 4.20 34.76
N THR C 179 -12.13 4.74 34.13
CA THR C 179 -12.02 6.17 33.91
C THR C 179 -12.03 6.43 32.41
N PRO C 180 -12.76 7.45 31.94
CA PRO C 180 -12.77 7.74 30.50
C PRO C 180 -11.49 8.40 30.01
N GLY C 181 -10.75 9.08 30.87
CA GLY C 181 -9.50 9.71 30.48
C GLY C 181 -8.35 9.34 31.38
N PHE C 182 -7.23 10.05 31.33
CA PHE C 182 -6.04 9.73 32.12
C PHE C 182 -5.93 10.62 33.35
N GLU C 183 -7.05 10.78 34.05
CA GLU C 183 -7.11 11.53 35.28
C GLU C 183 -8.22 10.93 36.11
N ILE C 184 -8.25 11.26 37.39
CA ILE C 184 -9.31 10.79 38.28
C ILE C 184 -9.92 12.04 38.90
N ASP C 185 -10.98 12.54 38.27
CA ASP C 185 -11.66 13.76 38.67
C ASP C 185 -12.98 13.46 39.38
N HIS C 186 -13.28 12.18 39.62
CA HIS C 186 -14.61 11.78 40.05
C HIS C 186 -14.59 10.36 40.60
N PHE C 187 -15.22 10.14 41.75
CA PHE C 187 -15.35 8.78 42.28
C PHE C 187 -16.78 8.32 42.05
N PRO C 188 -17.02 7.33 41.19
CA PRO C 188 -18.39 6.89 40.88
C PRO C 188 -18.92 5.79 41.79
N GLY C 189 -18.11 5.29 42.72
CA GLY C 189 -18.51 4.14 43.51
C GLY C 189 -17.88 2.86 42.99
N TRP C 190 -17.66 1.92 43.89
CA TRP C 190 -17.05 0.65 43.53
C TRP C 190 -18.04 -0.30 42.87
N ARG C 191 -17.61 -0.93 41.80
CA ARG C 191 -18.35 -2.05 41.21
C ARG C 191 -17.74 -3.36 41.68
N PRO C 192 -18.53 -4.40 41.90
CA PRO C 192 -17.94 -5.69 42.27
C PRO C 192 -17.28 -6.33 41.07
N LEU C 193 -16.44 -7.32 41.36
CA LEU C 193 -15.67 -7.96 40.30
C LEU C 193 -16.62 -8.55 39.26
N PRO C 194 -16.26 -8.51 37.99
CA PRO C 194 -17.08 -9.21 36.99
C PRO C 194 -16.89 -10.71 37.11
N ARG C 195 -17.96 -11.44 36.80
CA ARG C 195 -17.97 -12.88 36.89
C ARG C 195 -17.21 -13.54 35.74
N SER D 2 -15.79 -2.05 -43.94
CA SER D 2 -16.00 -1.15 -42.80
C SER D 2 -14.69 -0.71 -42.14
N LEU D 3 -13.82 -1.65 -41.73
CA LEU D 3 -12.53 -1.23 -41.21
C LEU D 3 -11.63 -0.71 -42.33
N LEU D 4 -10.61 0.02 -41.94
CA LEU D 4 -9.71 0.49 -43.01
C LEU D 4 -8.53 -0.46 -43.12
N PRO D 5 -8.15 -0.87 -44.34
CA PRO D 5 -7.08 -1.87 -44.46
C PRO D 5 -5.75 -1.28 -44.01
N THR D 6 -4.99 -2.06 -43.24
CA THR D 6 -3.65 -1.60 -42.87
C THR D 6 -2.72 -1.50 -44.07
N ALA D 7 -3.11 -2.10 -45.22
CA ALA D 7 -2.60 -1.71 -46.53
C ALA D 7 -1.16 -2.19 -46.66
N PRO D 8 -0.14 -1.42 -47.08
CA PRO D 8 1.17 -2.09 -47.20
C PRO D 8 1.85 -2.37 -45.86
N VAL D 9 1.22 -2.08 -44.71
CA VAL D 9 1.86 -2.31 -43.42
C VAL D 9 0.91 -3.07 -42.48
N ARG D 10 1.29 -3.22 -41.22
CA ARG D 10 0.49 -3.98 -40.28
C ARG D 10 0.43 -3.31 -38.91
N ILE D 11 1.57 -2.95 -38.36
CA ILE D 11 1.67 -2.47 -36.98
C ILE D 11 2.27 -1.07 -36.97
N ASP D 12 2.16 -0.40 -35.82
CA ASP D 12 2.68 0.96 -35.68
C ASP D 12 4.17 1.03 -35.98
N ALA D 13 4.94 0.01 -35.57
CA ALA D 13 6.39 0.02 -35.78
C ALA D 13 6.74 0.14 -37.25
N ASP D 14 5.87 -0.33 -38.15
CA ASP D 14 6.13 -0.16 -39.58
C ASP D 14 6.09 1.32 -39.98
N LEU D 15 5.33 2.13 -39.25
CA LEU D 15 5.12 3.53 -39.61
C LEU D 15 6.04 4.49 -38.89
N TYR D 16 6.76 4.05 -37.86
CA TYR D 16 7.53 4.96 -37.01
C TYR D 16 8.29 5.99 -37.84
N ASP D 17 9.01 5.54 -38.86
CA ASP D 17 9.93 6.43 -39.56
C ASP D 17 9.21 7.57 -40.27
N ASP D 18 7.92 7.44 -40.54
CA ASP D 18 7.19 8.40 -41.35
C ASP D 18 6.21 9.24 -40.54
N LEU D 19 6.18 9.07 -39.22
CA LEU D 19 5.20 9.75 -38.38
C LEU D 19 5.38 11.27 -38.34
N ALA D 20 6.57 11.79 -38.65
CA ALA D 20 6.81 13.23 -38.65
C ALA D 20 7.17 13.75 -40.03
N ASN D 21 6.78 13.06 -41.10
CA ASN D 21 7.22 13.41 -42.45
C ASN D 21 6.02 13.65 -43.35
N PRO D 22 5.56 14.91 -43.46
CA PRO D 22 4.39 15.18 -44.32
C PRO D 22 4.60 14.83 -45.78
N ALA D 23 5.85 14.77 -46.26
CA ALA D 23 6.06 14.49 -47.68
C ALA D 23 5.85 13.02 -48.00
N ARG D 24 6.13 12.11 -47.08
CA ARG D 24 5.97 10.70 -47.39
C ARG D 24 4.59 10.16 -47.04
N GLN D 25 3.70 11.02 -46.54
CA GLN D 25 2.36 10.54 -46.18
C GLN D 25 1.61 10.07 -47.41
N SER D 26 1.78 10.75 -48.55
CA SER D 26 1.05 10.38 -49.77
C SER D 26 1.41 8.97 -50.24
N LEU D 27 2.59 8.46 -49.89
CA LEU D 27 3.00 7.15 -50.34
C LEU D 27 2.13 6.03 -49.81
N TYR D 28 1.27 6.30 -48.83
CA TYR D 28 0.34 5.31 -48.33
C TYR D 28 -1.01 5.51 -48.97
N PRO D 29 -1.78 4.45 -49.29
CA PRO D 29 -3.06 4.67 -49.95
C PRO D 29 -3.99 5.47 -49.04
N ARG D 30 -4.69 6.42 -49.67
CA ARG D 30 -5.53 7.38 -48.96
C ARG D 30 -6.63 6.71 -48.15
N ASP D 31 -7.18 5.60 -48.66
CA ASP D 31 -8.18 4.82 -47.95
C ASP D 31 -7.58 3.83 -46.97
N SER D 32 -6.32 3.99 -46.58
CA SER D 32 -5.66 2.99 -45.74
C SER D 32 -5.53 3.50 -44.31
N ARG D 33 -5.36 2.56 -43.38
CA ARG D 33 -5.24 2.96 -41.98
C ARG D 33 -3.93 3.67 -41.71
N GLY D 34 -2.86 3.26 -42.39
CA GLY D 34 -1.58 3.91 -42.20
C GLY D 34 -1.62 5.38 -42.58
N PHE D 35 -2.40 5.72 -43.62
CA PHE D 35 -2.54 7.13 -43.97
C PHE D 35 -3.20 7.90 -42.85
N ILE D 36 -4.22 7.31 -42.22
CA ILE D 36 -4.89 7.97 -41.11
C ILE D 36 -3.94 8.09 -39.91
N ARG D 37 -3.28 6.98 -39.55
CA ARG D 37 -2.38 6.98 -38.39
C ARG D 37 -1.36 8.10 -38.49
N ILE D 38 -0.74 8.24 -39.66
CA ILE D 38 0.24 9.29 -39.91
C ILE D 38 -0.42 10.65 -39.77
N ASP D 39 -1.67 10.76 -40.22
CA ASP D 39 -2.36 12.05 -40.19
C ASP D 39 -2.67 12.48 -38.76
N ILE D 40 -3.00 11.53 -37.88
CA ILE D 40 -3.19 11.90 -36.47
C ILE D 40 -1.89 12.41 -35.91
N SER D 41 -0.79 11.74 -36.26
CA SER D 41 0.52 12.17 -35.79
C SER D 41 0.88 13.55 -36.35
N LEU D 42 0.72 13.76 -37.66
CA LEU D 42 1.04 15.07 -38.21
C LEU D 42 0.25 16.16 -37.52
N ARG D 43 -1.04 15.91 -37.26
CA ARG D 43 -1.87 16.92 -36.62
C ARG D 43 -1.43 17.19 -35.18
N ALA D 44 -0.89 16.19 -34.46
CA ALA D 44 -0.33 16.46 -33.13
C ALA D 44 0.80 17.48 -33.21
N TYR D 45 1.71 17.31 -34.18
CA TYR D 45 2.76 18.30 -34.38
C TYR D 45 2.19 19.66 -34.77
N TRP D 46 1.23 19.68 -35.68
CA TRP D 46 0.62 20.94 -36.11
C TRP D 46 -0.01 21.70 -34.95
N HIS D 47 -0.88 21.03 -34.20
CA HIS D 47 -1.56 21.69 -33.08
C HIS D 47 -0.60 22.00 -31.93
N THR D 48 0.42 21.19 -31.70
CA THR D 48 1.41 21.57 -30.69
C THR D 48 2.09 22.87 -31.07
N LEU D 49 2.36 23.09 -32.36
CA LEU D 49 3.04 24.31 -32.75
C LEU D 49 2.09 25.50 -32.71
N PHE D 50 0.92 25.40 -33.37
CA PHE D 50 0.12 26.58 -33.63
C PHE D 50 -0.94 26.88 -32.57
N ASP D 51 -1.46 25.88 -31.86
CA ASP D 51 -2.32 26.18 -30.71
C ASP D 51 -1.57 26.97 -29.65
N THR D 52 -0.29 26.63 -29.44
CA THR D 52 0.51 27.29 -28.44
C THR D 52 1.00 28.66 -28.89
N CYS D 53 1.32 28.82 -30.18
CA CYS D 53 1.83 30.07 -30.72
C CYS D 53 0.92 30.48 -31.88
N PRO D 54 -0.29 30.93 -31.57
CA PRO D 54 -1.23 31.27 -32.66
C PRO D 54 -0.74 32.39 -33.54
N ARG D 55 0.07 33.30 -33.03
CA ARG D 55 0.54 34.41 -33.86
C ARG D 55 1.36 33.91 -35.04
N LEU D 56 1.88 32.69 -35.00
CA LEU D 56 2.60 32.18 -36.14
C LEU D 56 1.68 32.00 -37.36
N LEU D 57 0.38 31.81 -37.12
CA LEU D 57 -0.55 31.63 -38.24
C LEU D 57 -0.77 32.94 -38.99
N GLU D 58 -0.62 34.08 -38.30
CA GLU D 58 -0.59 35.35 -39.01
C GLU D 58 0.51 35.39 -40.05
N LEU D 59 1.61 34.67 -39.82
CA LEU D 59 2.67 34.61 -40.81
C LEU D 59 2.29 33.70 -41.97
N SER D 60 1.87 32.48 -41.65
CA SER D 60 1.64 31.47 -42.68
C SER D 60 0.26 31.54 -43.32
N GLY D 61 -0.71 32.19 -42.71
CA GLY D 61 -2.10 32.00 -43.08
C GLY D 61 -2.71 30.83 -42.32
N PRO D 62 -4.05 30.73 -42.33
CA PRO D 62 -4.74 29.79 -41.41
C PRO D 62 -4.35 28.32 -41.56
N SER D 63 -3.95 27.87 -42.75
CA SER D 63 -3.57 26.48 -42.92
C SER D 63 -2.22 26.15 -42.27
N GLY D 64 -1.41 27.15 -41.96
CA GLY D 64 -0.07 26.89 -41.46
C GLY D 64 0.87 26.22 -42.43
N GLY D 65 0.44 25.95 -43.67
CA GLY D 65 1.24 25.13 -44.56
C GLY D 65 2.59 25.73 -44.89
N ALA D 66 2.66 27.06 -45.09
CA ALA D 66 3.88 27.74 -45.52
C ALA D 66 4.97 27.76 -44.45
N ILE D 67 4.65 27.44 -43.20
CA ILE D 67 5.66 27.17 -42.18
C ILE D 67 5.82 25.67 -41.97
N PHE D 68 4.70 24.97 -41.79
CA PHE D 68 4.71 23.58 -41.29
C PHE D 68 5.39 22.63 -42.27
N LEU D 69 4.99 22.66 -43.55
CA LEU D 69 5.59 21.73 -44.51
C LEU D 69 7.08 21.97 -44.67
N PRO D 70 7.57 23.17 -45.00
CA PRO D 70 9.03 23.33 -45.12
C PRO D 70 9.77 23.15 -43.80
N PHE D 71 9.17 23.51 -42.66
CA PHE D 71 9.88 23.29 -41.40
C PHE D 71 9.98 21.81 -41.08
N MET D 72 8.94 21.03 -41.30
CA MET D 72 9.04 19.60 -41.01
C MET D 72 10.09 18.95 -41.91
N ALA D 73 10.16 19.39 -43.18
CA ALA D 73 11.17 18.88 -44.10
C ALA D 73 12.57 19.27 -43.64
N TRP D 74 12.72 20.50 -43.17
CA TRP D 74 13.99 21.01 -42.68
C TRP D 74 14.39 20.35 -41.36
N ALA D 75 13.41 19.91 -40.56
CA ALA D 75 13.72 19.28 -39.29
C ALA D 75 14.31 17.89 -39.52
N ARG D 76 13.71 17.12 -40.43
CA ARG D 76 14.30 15.85 -40.83
C ARG D 76 15.70 16.05 -41.42
N GLU D 77 15.88 17.11 -42.23
CA GLU D 77 17.18 17.35 -42.87
C GLU D 77 18.28 17.59 -41.84
N ASN D 78 18.00 18.37 -40.81
CA ASN D 78 18.99 18.67 -39.78
C ASN D 78 18.88 17.74 -38.57
N ASN D 79 18.09 16.66 -38.68
CA ASN D 79 17.92 15.65 -37.63
C ASN D 79 17.59 16.30 -36.28
N LEU D 80 16.58 17.16 -36.28
CA LEU D 80 16.13 17.77 -35.04
C LEU D 80 15.35 16.75 -34.21
N ALA D 81 15.43 16.91 -32.89
CA ALA D 81 14.91 15.92 -31.97
C ALA D 81 13.44 16.13 -31.61
N PHE D 82 12.85 17.28 -31.96
CA PHE D 82 11.53 17.66 -31.48
C PHE D 82 11.46 17.57 -29.95
N ASP D 83 12.50 18.05 -29.27
CA ASP D 83 12.51 18.09 -27.82
C ASP D 83 11.83 19.38 -27.34
N TRP D 84 12.12 19.80 -26.11
CA TRP D 84 11.54 21.02 -25.57
C TRP D 84 11.87 22.25 -26.43
N SER D 85 13.01 22.25 -27.13
CA SER D 85 13.43 23.38 -27.95
C SER D 85 12.74 23.44 -29.32
N PHE D 86 11.76 22.56 -29.60
CA PHE D 86 10.92 22.57 -30.80
C PHE D 86 10.54 23.97 -31.27
N PHE D 87 9.87 24.75 -30.40
CA PHE D 87 9.41 26.08 -30.80
C PHE D 87 10.59 26.98 -31.16
N LEU D 88 11.66 26.93 -30.36
CA LEU D 88 12.82 27.73 -30.67
C LEU D 88 13.39 27.43 -32.05
N TRP D 89 13.36 26.17 -32.47
CA TRP D 89 13.89 25.81 -33.78
C TRP D 89 12.95 26.26 -34.90
N VAL D 90 11.65 26.40 -34.62
CA VAL D 90 10.78 26.98 -35.63
C VAL D 90 11.14 28.44 -35.85
N TYR D 91 11.50 29.13 -34.78
CA TYR D 91 11.89 30.52 -34.90
C TYR D 91 13.20 30.66 -35.66
N VAL D 92 14.13 29.71 -35.45
CA VAL D 92 15.39 29.76 -36.20
C VAL D 92 15.11 29.58 -37.69
N TRP D 93 14.28 28.59 -38.02
CA TRP D 93 13.86 28.41 -39.41
C TRP D 93 13.22 29.68 -39.97
N LEU D 94 12.31 30.30 -39.21
CA LEU D 94 11.68 31.54 -39.67
C LEU D 94 12.70 32.63 -39.97
N GLN D 95 13.80 32.67 -39.22
CA GLN D 95 14.80 33.71 -39.42
C GLN D 95 15.50 33.59 -40.76
N GLN D 96 15.53 32.40 -41.37
CA GLN D 96 16.07 32.22 -42.72
C GLN D 96 14.98 31.99 -43.76
N SER D 97 13.74 32.33 -43.43
CA SER D 97 12.61 32.00 -44.28
C SER D 97 12.13 33.25 -45.04
N GLU D 98 11.09 33.07 -45.85
CA GLU D 98 10.44 34.19 -46.52
C GLU D 98 9.75 35.12 -45.54
N PHE D 99 9.60 34.71 -44.27
CA PHE D 99 8.92 35.52 -43.27
C PHE D 99 9.88 36.31 -42.40
N ARG D 100 11.18 36.29 -42.72
CA ARG D 100 12.19 36.78 -41.78
C ARG D 100 12.00 38.24 -41.42
N GLU D 101 11.39 39.03 -42.31
CA GLU D 101 11.25 40.45 -42.07
C GLU D 101 10.12 40.78 -41.10
N ARG D 102 9.22 39.84 -40.84
CA ARG D 102 8.02 40.10 -40.05
C ARG D 102 8.12 39.54 -38.63
N LEU D 103 9.32 39.18 -38.20
CA LEU D 103 9.53 38.74 -36.83
C LEU D 103 9.79 39.94 -35.94
N ASP D 104 9.16 39.95 -34.77
CA ASP D 104 9.37 41.00 -33.78
C ASP D 104 9.18 40.37 -32.39
N GLU D 105 9.26 41.21 -31.36
CA GLU D 105 9.10 40.70 -30.00
C GLU D 105 7.77 39.99 -29.81
N ASP D 106 6.75 40.38 -30.57
CA ASP D 106 5.43 39.78 -30.42
C ASP D 106 5.36 38.35 -30.94
N GLN D 107 6.26 37.95 -31.84
CA GLN D 107 6.37 36.55 -32.22
C GLN D 107 7.38 35.83 -31.34
N LEU D 108 8.41 36.53 -30.88
CA LEU D 108 9.51 35.91 -30.16
C LEU D 108 9.08 35.41 -28.78
N LEU D 109 8.46 36.28 -27.97
CA LEU D 109 8.14 35.88 -26.60
C LEU D 109 7.20 34.69 -26.53
N PRO D 110 6.17 34.56 -27.38
CA PRO D 110 5.37 33.32 -27.34
C PRO D 110 6.18 32.06 -27.59
N VAL D 111 7.13 32.06 -28.54
CA VAL D 111 7.87 30.81 -28.76
C VAL D 111 8.83 30.54 -27.61
N MET D 112 9.39 31.58 -26.98
CA MET D 112 10.24 31.36 -25.81
C MET D 112 9.43 30.81 -24.63
N THR D 113 8.25 31.39 -24.38
CA THR D 113 7.36 30.84 -23.37
C THR D 113 6.97 29.41 -23.67
N ALA D 114 6.67 29.11 -24.95
CA ALA D 114 6.23 27.77 -25.30
C ALA D 114 7.32 26.74 -25.05
N SER D 115 8.57 27.08 -25.33
CA SER D 115 9.67 26.14 -25.08
C SER D 115 9.95 25.99 -23.58
N ALA D 116 9.90 27.08 -22.82
CA ALA D 116 10.12 26.96 -21.38
C ALA D 116 8.99 26.17 -20.74
N THR D 117 7.77 26.35 -21.23
CA THR D 117 6.62 25.58 -20.75
C THR D 117 6.78 24.11 -21.07
N ARG D 118 7.15 23.78 -22.30
CA ARG D 118 7.32 22.40 -22.67
C ARG D 118 8.43 21.75 -21.87
N TRP D 119 9.53 22.47 -21.64
CA TRP D 119 10.60 21.90 -20.83
C TRP D 119 10.09 21.55 -19.44
N LEU D 120 9.39 22.48 -18.78
CA LEU D 120 9.01 22.24 -17.41
C LEU D 120 7.91 21.21 -17.29
N MET D 121 7.18 20.93 -18.37
CA MET D 121 6.12 19.94 -18.37
C MET D 121 6.62 18.53 -18.64
N ILE D 122 7.67 18.38 -19.45
CA ILE D 122 8.09 17.05 -19.87
C ILE D 122 9.49 16.67 -19.42
N ASP D 123 10.33 17.60 -18.97
CA ASP D 123 11.66 17.19 -18.55
C ASP D 123 11.57 16.40 -17.25
N ARG D 124 12.36 15.33 -17.16
CA ARG D 124 12.35 14.46 -15.97
C ARG D 124 13.73 14.33 -15.34
N ASP D 125 14.61 15.32 -15.56
CA ASP D 125 15.85 15.43 -14.82
C ASP D 125 15.54 15.95 -13.42
N ILE D 126 15.62 15.07 -12.44
CA ILE D 126 15.31 15.40 -11.05
C ILE D 126 16.18 16.55 -10.54
N ASP D 127 17.38 16.70 -11.10
CA ASP D 127 18.34 17.67 -10.58
C ASP D 127 18.22 19.06 -11.20
N ALA D 128 17.31 19.28 -12.14
CA ALA D 128 17.14 20.57 -12.78
C ALA D 128 15.76 21.10 -12.46
N CYS D 129 15.68 22.24 -11.78
CA CYS D 129 14.39 22.81 -11.39
C CYS D 129 13.93 23.98 -12.26
N GLN D 130 14.84 24.73 -12.89
CA GLN D 130 14.48 25.84 -13.76
C GLN D 130 15.27 25.77 -15.06
N ILE D 131 14.65 26.20 -16.15
CA ILE D 131 15.36 26.50 -17.38
C ILE D 131 15.37 28.01 -17.55
N VAL D 132 16.48 28.53 -18.06
CA VAL D 132 16.66 29.94 -18.30
C VAL D 132 16.99 30.07 -19.78
N LEU D 133 16.17 30.81 -20.53
CA LEU D 133 16.29 30.94 -21.98
C LEU D 133 16.73 32.35 -22.31
N GLY D 134 17.76 32.46 -23.15
CA GLY D 134 18.26 33.74 -23.57
C GLY D 134 18.13 33.91 -25.07
N SER D 135 18.17 35.14 -25.55
CA SER D 135 17.99 35.37 -26.97
C SER D 135 18.72 36.65 -27.36
N ARG D 136 19.30 36.65 -28.57
CA ARG D 136 19.95 37.86 -29.06
C ARG D 136 18.95 38.99 -29.27
N SER D 137 17.67 38.66 -29.45
CA SER D 137 16.61 39.65 -29.62
C SER D 137 15.89 39.98 -28.30
N LEU D 138 16.51 39.70 -27.15
CA LEU D 138 15.89 39.95 -25.84
C LEU D 138 17.01 40.33 -24.86
N ALA D 139 17.49 41.56 -25.00
CA ALA D 139 18.67 41.99 -24.28
C ALA D 139 18.38 42.21 -22.80
N GLY D 140 19.26 41.71 -21.94
CA GLY D 140 19.14 41.94 -20.52
C GLY D 140 18.00 41.25 -19.81
N ALA D 141 17.23 40.42 -20.50
CA ALA D 141 16.18 39.64 -19.86
C ALA D 141 16.35 38.18 -20.20
N ALA D 142 15.58 37.35 -19.51
CA ALA D 142 15.49 35.96 -19.91
C ALA D 142 14.09 35.47 -19.60
N VAL D 143 13.76 34.32 -20.17
CA VAL D 143 12.52 33.62 -19.92
C VAL D 143 12.86 32.41 -19.08
N VAL D 144 12.25 32.32 -17.89
CA VAL D 144 12.59 31.27 -16.93
C VAL D 144 11.38 30.38 -16.76
N GLY D 145 11.59 29.09 -17.02
CA GLY D 145 10.55 28.11 -16.78
C GLY D 145 10.90 27.31 -15.55
N ALA D 146 10.02 27.26 -14.57
CA ALA D 146 10.28 26.56 -13.31
C ALA D 146 9.30 25.42 -13.15
N LYS D 147 9.81 24.24 -12.80
CA LYS D 147 8.93 23.13 -12.46
C LYS D 147 8.08 23.50 -11.25
N ILE D 148 6.89 22.88 -11.14
CA ILE D 148 6.03 23.17 -10.01
C ILE D 148 6.62 22.56 -8.76
N ASP D 149 6.71 23.36 -7.69
CA ASP D 149 7.17 22.90 -6.40
C ASP D 149 6.17 23.18 -5.30
N SER D 150 4.98 23.65 -5.67
CA SER D 150 3.91 23.84 -4.70
C SER D 150 2.61 23.64 -5.44
N ILE D 151 1.70 22.89 -4.82
CA ILE D 151 0.37 22.72 -5.40
C ILE D 151 -0.47 23.99 -5.35
N HIS D 152 -0.01 25.01 -4.63
CA HIS D 152 -0.79 26.21 -4.31
C HIS D 152 -0.18 27.48 -4.90
N CYS D 153 0.55 27.38 -6.00
CA CYS D 153 1.08 28.56 -6.64
C CYS D 153 0.03 29.14 -7.58
N ARG D 154 -0.12 30.47 -7.55
CA ARG D 154 -0.91 31.17 -8.56
C ARG D 154 -0.06 31.94 -9.55
N LEU D 155 1.23 32.07 -9.29
CA LEU D 155 2.12 32.61 -10.32
C LEU D 155 2.21 31.62 -11.48
N GLU D 156 2.34 32.16 -12.68
CA GLU D 156 2.65 31.33 -13.83
C GLU D 156 4.02 30.66 -13.65
N GLN D 157 4.15 29.43 -14.14
CA GLN D 157 5.41 28.71 -14.04
C GLN D 157 6.49 29.28 -14.96
N VAL D 158 6.12 30.03 -16.00
CA VAL D 158 7.08 30.74 -16.85
C VAL D 158 7.01 32.22 -16.53
N GLN D 159 8.17 32.84 -16.35
CA GLN D 159 8.22 34.28 -16.18
C GLN D 159 9.34 34.84 -17.03
N GLN D 160 9.21 36.13 -17.33
CA GLN D 160 10.27 36.94 -17.88
C GLN D 160 10.94 37.69 -16.72
N VAL D 161 12.25 37.58 -16.62
CA VAL D 161 12.97 38.19 -15.52
C VAL D 161 14.07 39.09 -16.05
N ALA D 162 14.19 40.26 -15.45
CA ALA D 162 15.21 41.22 -15.81
C ALA D 162 16.45 40.99 -14.94
N PHE D 163 17.62 41.12 -15.55
CA PHE D 163 18.88 41.01 -14.85
C PHE D 163 19.42 42.40 -14.56
N ALA D 164 19.98 42.57 -13.35
CA ALA D 164 20.60 43.84 -13.00
C ALA D 164 21.99 44.00 -13.60
N ALA D 165 22.73 42.90 -13.74
CA ALA D 165 24.03 42.91 -14.40
C ALA D 165 23.88 42.42 -15.83
N PRO D 166 24.49 43.09 -16.82
CA PRO D 166 24.24 42.76 -18.22
C PRO D 166 24.50 41.28 -18.48
N LEU D 167 23.69 40.71 -19.37
CA LEU D 167 23.85 39.32 -19.74
C LEU D 167 24.50 39.21 -21.11
N PRO D 168 25.49 38.33 -21.26
CA PRO D 168 26.10 38.13 -22.59
C PRO D 168 25.05 37.64 -23.57
N LEU D 169 25.05 38.22 -24.75
CA LEU D 169 24.21 37.71 -25.81
C LEU D 169 24.64 36.28 -26.15
N PRO D 170 23.71 35.39 -26.45
CA PRO D 170 24.10 34.04 -26.88
C PRO D 170 24.83 34.08 -28.22
N ASP D 171 25.55 32.99 -28.50
CA ASP D 171 26.25 32.86 -29.77
C ASP D 171 25.28 32.65 -30.92
N GLY D 172 24.34 31.72 -30.75
CA GLY D 172 23.23 31.58 -31.67
C GLY D 172 22.13 32.57 -31.32
N GLU D 173 21.00 32.44 -32.03
CA GLU D 173 19.85 33.25 -31.65
C GLU D 173 19.45 32.98 -30.20
N PHE D 174 19.58 31.72 -29.77
CA PHE D 174 19.08 31.30 -28.46
C PHE D 174 20.17 30.61 -27.66
N GLY D 175 20.03 30.68 -26.34
CA GLY D 175 20.87 29.93 -25.43
C GLY D 175 20.08 29.56 -24.20
N TYR D 176 20.59 28.58 -23.46
CA TYR D 176 19.90 28.17 -22.25
C TYR D 176 20.90 27.70 -21.19
N PHE D 177 20.46 27.75 -19.94
CA PHE D 177 21.12 27.02 -18.89
C PHE D 177 20.07 26.56 -17.90
N LEU D 178 20.43 25.55 -17.10
CA LEU D 178 19.56 24.91 -16.13
C LEU D 178 20.05 25.24 -14.72
N THR D 179 19.11 25.34 -13.78
CA THR D 179 19.49 25.54 -12.39
C THR D 179 19.01 24.40 -11.51
N PRO D 180 19.82 23.96 -10.56
CA PRO D 180 19.29 23.09 -9.49
C PRO D 180 18.57 23.98 -8.49
N GLY D 181 17.39 23.58 -8.08
CA GLY D 181 16.61 24.44 -7.22
C GLY D 181 16.14 25.71 -7.93
N PHE D 182 15.42 26.54 -7.17
CA PHE D 182 14.60 27.62 -7.70
C PHE D 182 15.20 29.00 -7.43
N GLU D 183 16.50 29.15 -7.63
CA GLU D 183 17.11 30.46 -7.61
C GLU D 183 18.10 30.53 -8.77
N ILE D 184 18.51 31.74 -9.10
CA ILE D 184 19.58 31.98 -10.07
C ILE D 184 20.69 32.69 -9.32
N ASP D 185 21.59 31.90 -8.72
CA ASP D 185 22.71 32.41 -7.94
C ASP D 185 24.03 32.08 -8.62
N HIS D 186 24.04 32.14 -9.96
CA HIS D 186 25.21 31.88 -10.78
C HIS D 186 24.87 32.01 -12.26
N PHE D 187 25.76 32.60 -13.07
CA PHE D 187 25.61 32.52 -14.51
C PHE D 187 26.71 31.67 -15.11
N PRO D 188 26.42 30.43 -15.51
CA PRO D 188 27.46 29.56 -16.06
C PRO D 188 27.78 29.81 -17.53
N GLY D 189 27.18 30.83 -18.15
CA GLY D 189 27.33 30.94 -19.58
C GLY D 189 26.25 30.18 -20.33
N TRP D 190 25.93 30.66 -21.52
CA TRP D 190 24.89 30.06 -22.32
C TRP D 190 25.36 28.75 -22.94
N ARG D 191 24.46 27.77 -22.96
CA ARG D 191 24.58 26.58 -23.77
C ARG D 191 23.81 26.75 -25.07
N PRO D 192 24.27 26.17 -26.17
CA PRO D 192 23.50 26.26 -27.41
C PRO D 192 22.31 25.31 -27.38
N LEU D 193 21.37 25.55 -28.27
CA LEU D 193 20.15 24.76 -28.30
C LEU D 193 20.50 23.30 -28.54
N PRO D 194 19.86 22.37 -27.83
CA PRO D 194 20.10 20.95 -28.08
C PRO D 194 19.73 20.58 -29.51
N ARG D 195 20.58 19.75 -30.12
CA ARG D 195 20.41 19.24 -31.47
C ARG D 195 20.66 20.33 -32.52
#